data_1EG9
#
_entry.id   1EG9
#
_cell.length_a   140.169
_cell.length_b   140.169
_cell.length_c   209.248
_cell.angle_alpha   90.00
_cell.angle_beta   90.00
_cell.angle_gamma   120.00
#
_symmetry.space_group_name_H-M   'H 3 2'
#
loop_
_entity.id
_entity.type
_entity.pdbx_description
1 polymer 'PROTEIN (NAPHTHALENE 1,2-DIOXYGENASE ALPHA SUBUNIT)'
2 polymer 'PROTEIN (NAPHTHALENE 1,2-DIOXYGENASE BETA SUBUNIT)'
3 non-polymer 'SULFATE ION'
4 non-polymer 'FE (III) ION'
5 non-polymer 'FE2/S2 (INORGANIC) CLUSTER'
6 non-polymer INDOLE
7 water water
#
loop_
_entity_poly.entity_id
_entity_poly.type
_entity_poly.pdbx_seq_one_letter_code
_entity_poly.pdbx_strand_id
1 'polypeptide(L)'
;MNYNNKILVSESGLSQKHLIHGDEELFQHELKTIFARNWLFLTHDSLIPAPGDYVTAKMGIDEVIVSRQNDGSIRAFLNV
CRHRGKTLVSVEAGNAKGFVCSYHGWGFGSNGELQSVPFEKDLYGESLNKKCLGLKEVARVESFHGFIYGCFDQEAPPLM
DYLGDAAWYLEPMFKHSGGLELVGPPGKVVIKANWKAPAENFVGDAYHVGWTHASSLRSGESIFSSLAGNAALPPEGAGL
QMTSKYGSGMGVLWDGYSGVHSADLVPELMAFGGAKQERLNKEIGDVRARIYRSHLNCTVFPNNSMLTCSGVFKVWNPID
ANTTEVWTYAIVEKDMPEDLKRRLADSVQRTFGPAGFWESDDNDNMETASQNGKKYQSRDSDLLSNLGFGEDVYGDAVYP
GVVGKSAIGETSYRGFYRAYQAHVSSSNWAEFEHASSTWHTELTKTTDR
;
A
2 'polypeptide(L)'
;MMINIQEDKLVSAHDAEEILRFFNCHDSALQQEATTLLTQEAHLLDIQAYRAWLEHCVGSEVQYQVISRELRAASERRYK
LNEAMNVYNENFQQLKVRVEHQLDPQNWGNSPKLRFTRFITNVQAAMDVNDKELLHIRSNVILHRARRGNQVDVFYAARE
DKWKRGEGGVRKLVQRFVDYPERILQTHNLMVFL
;
B
#
# COMPACT_ATOMS: atom_id res chain seq x y z
N MET A 1 32.25 -4.28 -5.73
CA MET A 1 32.34 -3.66 -4.36
C MET A 1 32.50 -4.73 -3.30
N ASN A 2 33.41 -4.56 -2.34
CA ASN A 2 33.59 -5.57 -1.29
C ASN A 2 32.69 -5.23 -0.11
N TYR A 3 31.60 -5.99 0.07
CA TYR A 3 30.62 -5.62 1.10
C TYR A 3 31.10 -5.95 2.50
N ASN A 4 32.21 -6.69 2.68
CA ASN A 4 32.72 -6.88 4.03
C ASN A 4 33.32 -5.57 4.57
N ASN A 5 33.99 -4.84 3.68
CA ASN A 5 34.74 -3.65 4.04
C ASN A 5 34.13 -2.30 3.67
N LYS A 6 33.37 -2.22 2.57
CA LYS A 6 32.86 -0.90 2.17
C LYS A 6 31.97 -0.28 3.23
N ILE A 7 32.27 0.94 3.62
CA ILE A 7 31.46 1.68 4.58
C ILE A 7 30.29 2.35 3.82
N LEU A 8 29.19 1.61 3.72
CA LEU A 8 28.00 2.20 3.09
C LEU A 8 27.25 3.06 4.10
N VAL A 9 27.26 2.64 5.37
CA VAL A 9 26.64 3.40 6.44
C VAL A 9 27.70 3.75 7.48
N SER A 10 27.81 5.02 7.85
CA SER A 10 28.87 5.45 8.76
C SER A 10 28.51 5.05 10.19
N GLU A 11 29.55 5.10 11.07
CA GLU A 11 29.33 4.73 12.46
C GLU A 11 28.15 5.48 13.08
N SER A 12 27.32 4.74 13.82
CA SER A 12 26.16 5.24 14.52
C SER A 12 25.04 5.58 13.55
N GLY A 13 25.07 5.09 12.31
CA GLY A 13 24.03 5.32 11.33
C GLY A 13 23.96 6.79 10.98
N LEU A 14 24.99 7.60 11.11
CA LEU A 14 24.92 9.04 10.95
C LEU A 14 24.75 9.48 9.48
N SER A 15 25.25 8.65 8.59
CA SER A 15 25.10 9.02 7.16
C SER A 15 25.22 7.75 6.34
N GLN A 16 24.67 7.80 5.10
CA GLN A 16 24.71 6.65 4.21
C GLN A 16 25.18 7.11 2.84
N LYS A 17 25.94 6.29 2.12
CA LYS A 17 26.34 6.71 0.77
C LYS A 17 25.09 6.75 -0.12
N HIS A 18 25.05 7.80 -0.96
CA HIS A 18 23.81 7.97 -1.79
C HIS A 18 23.65 6.85 -2.78
N LEU A 19 24.73 6.19 -3.23
CA LEU A 19 24.67 5.02 -4.10
C LEU A 19 23.81 3.89 -3.59
N ILE A 20 23.50 3.79 -2.30
CA ILE A 20 22.68 2.69 -1.81
C ILE A 20 21.25 2.77 -2.42
N HIS A 21 20.81 3.96 -2.85
CA HIS A 21 19.49 3.96 -3.51
C HIS A 21 19.52 3.76 -5.01
N GLY A 22 20.69 3.62 -5.63
CA GLY A 22 20.77 3.44 -7.06
C GLY A 22 21.63 2.31 -7.57
N ASP A 23 22.46 1.66 -6.71
CA ASP A 23 23.43 0.71 -7.31
C ASP A 23 22.83 -0.65 -7.52
N GLU A 24 22.78 -1.14 -8.78
CA GLU A 24 22.15 -2.41 -9.07
C GLU A 24 22.92 -3.65 -8.58
N GLU A 25 24.25 -3.56 -8.48
CA GLU A 25 24.98 -4.67 -7.85
C GLU A 25 24.63 -4.79 -6.36
N LEU A 26 24.41 -3.65 -5.69
CA LEU A 26 24.02 -3.70 -4.28
C LEU A 26 22.60 -4.26 -4.15
N PHE A 27 21.72 -3.85 -5.09
CA PHE A 27 20.38 -4.45 -5.06
C PHE A 27 20.45 -5.96 -5.17
N GLN A 28 21.24 -6.53 -6.06
CA GLN A 28 21.35 -7.97 -6.16
C GLN A 28 21.89 -8.60 -4.88
N HIS A 29 22.79 -7.83 -4.24
CA HIS A 29 23.39 -8.33 -2.98
C HIS A 29 22.41 -8.23 -1.84
N GLU A 30 21.41 -7.32 -1.87
CA GLU A 30 20.38 -7.18 -0.88
C GLU A 30 19.39 -8.32 -1.04
N LEU A 31 19.23 -8.87 -2.24
CA LEU A 31 18.33 -10.02 -2.44
C LEU A 31 18.82 -11.17 -1.53
N LYS A 32 20.15 -11.33 -1.49
CA LYS A 32 20.69 -12.36 -0.59
C LYS A 32 20.76 -11.98 0.87
N THR A 33 21.26 -10.80 1.19
CA THR A 33 21.55 -10.47 2.57
C THR A 33 20.50 -9.76 3.37
N ILE A 34 19.50 -9.17 2.61
CA ILE A 34 18.35 -8.53 3.22
C ILE A 34 17.09 -9.38 3.04
N PHE A 35 16.66 -9.60 1.79
CA PHE A 35 15.40 -10.30 1.51
C PHE A 35 15.36 -11.78 1.73
N ALA A 36 16.51 -12.49 1.54
CA ALA A 36 16.47 -13.93 1.77
C ALA A 36 16.84 -14.28 3.22
N ARG A 37 17.15 -13.27 3.98
CA ARG A 37 17.50 -13.50 5.36
C ARG A 37 16.54 -13.00 6.46
N ASN A 38 15.68 -12.01 6.18
CA ASN A 38 14.85 -11.36 7.17
C ASN A 38 13.34 -11.66 7.00
N TRP A 39 12.52 -11.24 7.97
CA TRP A 39 11.11 -11.57 7.96
C TRP A 39 10.32 -10.53 7.11
N LEU A 40 9.52 -11.10 6.20
CA LEU A 40 8.79 -10.31 5.19
C LEU A 40 7.28 -10.54 5.28
N PHE A 41 6.51 -9.43 5.20
CA PHE A 41 5.06 -9.58 5.34
C PHE A 41 4.41 -10.36 4.19
N LEU A 42 3.51 -11.28 4.51
CA LEU A 42 2.81 -12.09 3.55
C LEU A 42 1.30 -11.79 3.47
N THR A 43 0.64 -11.95 4.61
CA THR A 43 -0.83 -11.74 4.55
C THR A 43 -1.36 -11.66 5.97
N HIS A 44 -2.68 -11.66 6.13
CA HIS A 44 -3.30 -11.64 7.44
C HIS A 44 -4.29 -12.79 7.51
N ASP A 45 -4.53 -13.32 8.72
CA ASP A 45 -5.53 -14.34 8.94
C ASP A 45 -6.86 -13.96 8.30
N SER A 46 -7.27 -12.70 8.36
CA SER A 46 -8.54 -12.24 7.83
C SER A 46 -8.65 -12.38 6.32
N LEU A 47 -7.53 -12.53 5.60
CA LEU A 47 -7.56 -12.67 4.15
C LEU A 47 -7.51 -14.12 3.71
N ILE A 48 -7.08 -15.05 4.61
CA ILE A 48 -7.15 -16.48 4.31
C ILE A 48 -7.66 -17.24 5.51
N PRO A 49 -8.89 -16.99 5.95
CA PRO A 49 -9.41 -17.60 7.15
C PRO A 49 -9.76 -19.07 7.09
N ALA A 50 -10.24 -19.55 5.96
CA ALA A 50 -10.73 -20.93 5.88
C ALA A 50 -9.77 -21.87 5.15
N PRO A 51 -9.81 -23.13 5.50
CA PRO A 51 -9.02 -24.18 4.90
C PRO A 51 -9.12 -24.09 3.38
N GLY A 52 -7.98 -24.05 2.70
CA GLY A 52 -7.96 -23.95 1.24
C GLY A 52 -7.81 -22.51 0.76
N ASP A 53 -8.08 -21.52 1.59
CA ASP A 53 -7.90 -20.15 1.15
C ASP A 53 -6.41 -19.89 0.90
N TYR A 54 -6.13 -19.15 -0.16
CA TYR A 54 -4.73 -18.84 -0.46
C TYR A 54 -4.63 -17.42 -0.99
N VAL A 55 -3.41 -16.88 -0.95
CA VAL A 55 -3.12 -15.63 -1.66
C VAL A 55 -1.72 -15.78 -2.27
N THR A 56 -1.41 -14.92 -3.23
CA THR A 56 -0.02 -14.86 -3.70
C THR A 56 0.59 -13.61 -3.07
N ALA A 57 1.90 -13.67 -2.78
CA ALA A 57 2.60 -12.57 -2.17
C ALA A 57 4.04 -12.53 -2.73
N LYS A 58 4.65 -11.36 -2.69
CA LYS A 58 6.07 -11.32 -3.05
C LYS A 58 6.89 -11.47 -1.74
N MET A 59 8.05 -12.09 -1.88
CA MET A 59 9.10 -12.06 -0.84
C MET A 59 10.36 -11.65 -1.58
N GLY A 60 10.73 -10.36 -1.49
CA GLY A 60 11.80 -9.82 -2.32
C GLY A 60 11.30 -9.83 -3.77
N ILE A 61 12.06 -10.41 -4.69
CA ILE A 61 11.57 -10.54 -6.08
C ILE A 61 10.89 -11.88 -6.33
N ASP A 62 10.91 -12.82 -5.39
CA ASP A 62 10.28 -14.11 -5.53
C ASP A 62 8.76 -14.01 -5.26
N GLU A 63 7.98 -14.84 -5.93
CA GLU A 63 6.55 -14.91 -5.61
C GLU A 63 6.21 -16.20 -4.89
N VAL A 64 5.42 -16.16 -3.85
CA VAL A 64 5.05 -17.34 -3.09
C VAL A 64 3.52 -17.47 -3.03
N ILE A 65 3.07 -18.70 -2.85
CA ILE A 65 1.65 -19.03 -2.59
C ILE A 65 1.53 -19.20 -1.09
N VAL A 66 0.57 -18.57 -0.43
CA VAL A 66 0.44 -18.64 1.04
C VAL A 66 -0.92 -19.30 1.31
N SER A 67 -0.95 -20.49 1.89
CA SER A 67 -2.18 -21.27 1.96
C SER A 67 -2.54 -21.77 3.34
N ARG A 68 -3.82 -21.65 3.67
CA ARG A 68 -4.37 -22.13 4.95
C ARG A 68 -4.56 -23.63 4.78
N GLN A 69 -3.85 -24.36 5.65
CA GLN A 69 -3.90 -25.82 5.70
C GLN A 69 -5.15 -26.31 6.42
N ASN A 70 -5.47 -27.60 6.23
CA ASN A 70 -6.61 -28.19 6.92
C ASN A 70 -6.51 -28.20 8.44
N ASP A 71 -5.29 -28.25 8.99
CA ASP A 71 -5.09 -28.24 10.43
C ASP A 71 -5.09 -26.84 11.03
N GLY A 72 -5.30 -25.80 10.22
CA GLY A 72 -5.38 -24.44 10.70
C GLY A 72 -4.10 -23.63 10.58
N SER A 73 -2.99 -24.31 10.24
CA SER A 73 -1.72 -23.62 10.10
C SER A 73 -1.65 -23.01 8.70
N ILE A 74 -0.59 -22.22 8.49
CA ILE A 74 -0.35 -21.58 7.20
C ILE A 74 0.99 -22.04 6.66
N ARG A 75 1.06 -22.47 5.40
CA ARG A 75 2.36 -22.80 4.83
C ARG A 75 2.54 -21.98 3.55
N ALA A 76 3.77 -21.67 3.17
CA ALA A 76 4.00 -20.85 1.96
C ALA A 76 5.06 -21.48 1.09
N PHE A 77 4.81 -21.48 -0.22
CA PHE A 77 5.66 -22.17 -1.18
C PHE A 77 5.98 -21.26 -2.35
N LEU A 78 7.15 -21.47 -2.96
CA LEU A 78 7.50 -20.71 -4.17
C LEU A 78 6.41 -21.02 -5.21
N ASN A 79 6.03 -20.02 -5.98
CA ASN A 79 4.97 -20.17 -7.01
C ASN A 79 5.59 -20.58 -8.34
N VAL A 80 6.29 -21.72 -8.30
CA VAL A 80 7.11 -22.22 -9.40
C VAL A 80 7.00 -23.75 -9.49
N CYS A 81 6.56 -24.25 -10.63
CA CYS A 81 6.42 -25.69 -10.80
C CYS A 81 7.78 -26.42 -10.73
N ARG A 82 7.75 -27.59 -10.11
CA ARG A 82 8.98 -28.37 -9.90
C ARG A 82 9.42 -29.09 -11.15
N HIS A 83 8.62 -29.16 -12.19
CA HIS A 83 8.97 -29.80 -13.45
C HIS A 83 9.82 -28.89 -14.32
N ARG A 84 9.29 -27.98 -15.11
CA ARG A 84 10.04 -27.09 -15.96
C ARG A 84 9.85 -25.61 -15.58
N GLY A 85 9.42 -25.32 -14.37
CA GLY A 85 9.54 -23.99 -13.81
C GLY A 85 8.53 -22.91 -14.19
N LYS A 86 7.39 -23.40 -14.67
CA LYS A 86 6.34 -22.41 -15.02
C LYS A 86 5.75 -21.83 -13.75
N THR A 87 5.16 -20.63 -13.82
CA THR A 87 4.48 -20.04 -12.66
C THR A 87 3.17 -20.79 -12.44
N LEU A 88 2.96 -21.33 -11.27
CA LEU A 88 1.81 -22.21 -11.00
C LEU A 88 0.50 -21.45 -10.92
N VAL A 89 0.43 -20.43 -10.08
CA VAL A 89 -0.82 -19.70 -9.80
C VAL A 89 -0.75 -18.31 -10.40
N SER A 90 -1.77 -17.96 -11.22
CA SER A 90 -1.81 -16.68 -11.91
C SER A 90 -2.81 -15.68 -11.33
N VAL A 91 -3.49 -16.05 -10.26
CA VAL A 91 -4.44 -15.14 -9.61
C VAL A 91 -3.87 -14.64 -8.30
N GLU A 92 -4.54 -13.73 -7.60
CA GLU A 92 -4.01 -13.10 -6.40
C GLU A 92 -4.57 -13.72 -5.13
N ALA A 93 -5.77 -14.34 -5.23
CA ALA A 93 -6.41 -14.96 -4.09
C ALA A 93 -7.48 -15.95 -4.55
N GLY A 94 -7.78 -16.91 -3.69
CA GLY A 94 -8.84 -17.87 -4.03
C GLY A 94 -9.03 -18.91 -2.94
N ASN A 95 -9.72 -19.98 -3.29
CA ASN A 95 -9.88 -21.14 -2.41
C ASN A 95 -9.76 -22.41 -3.24
N ALA A 96 -8.79 -23.27 -2.85
CA ALA A 96 -8.56 -24.48 -3.62
C ALA A 96 -7.93 -25.57 -2.74
N LYS A 97 -8.03 -26.82 -3.18
CA LYS A 97 -7.35 -27.90 -2.46
C LYS A 97 -6.00 -28.19 -3.09
N GLY A 98 -5.74 -27.57 -4.22
CA GLY A 98 -4.48 -27.80 -4.91
C GLY A 98 -4.38 -26.89 -6.13
N PHE A 99 -3.19 -26.92 -6.75
CA PHE A 99 -2.83 -26.06 -7.87
C PHE A 99 -2.30 -26.95 -8.99
N VAL A 100 -2.86 -26.83 -10.18
CA VAL A 100 -2.45 -27.63 -11.32
C VAL A 100 -1.68 -26.76 -12.30
N CYS A 101 -0.53 -27.26 -12.75
CA CYS A 101 0.26 -26.47 -13.71
C CYS A 101 -0.37 -26.51 -15.09
N SER A 102 -0.45 -25.36 -15.78
CA SER A 102 -1.00 -25.30 -17.11
C SER A 102 -0.07 -25.77 -18.21
N TYR A 103 1.18 -26.13 -17.93
CA TYR A 103 2.10 -26.58 -18.96
C TYR A 103 1.93 -28.07 -19.20
N HIS A 104 2.27 -28.93 -18.23
CA HIS A 104 2.11 -30.36 -18.39
C HIS A 104 1.13 -30.97 -17.41
N GLY A 105 0.44 -30.18 -16.60
CA GLY A 105 -0.65 -30.71 -15.79
C GLY A 105 -0.28 -31.32 -14.46
N TRP A 106 0.93 -31.10 -13.96
CA TRP A 106 1.26 -31.63 -12.63
C TRP A 106 0.37 -30.98 -11.58
N GLY A 107 -0.08 -31.76 -10.60
CA GLY A 107 -0.97 -31.20 -9.58
C GLY A 107 -0.36 -31.28 -8.18
N PHE A 108 -0.26 -30.11 -7.56
CA PHE A 108 0.31 -29.94 -6.25
C PHE A 108 -0.81 -29.68 -5.23
N GLY A 109 -0.68 -30.25 -4.03
CA GLY A 109 -1.73 -29.96 -3.04
C GLY A 109 -1.52 -28.56 -2.48
N SER A 110 -2.44 -28.12 -1.63
CA SER A 110 -2.35 -26.93 -0.82
C SER A 110 -1.20 -27.04 0.20
N ASN A 111 -0.83 -28.29 0.47
CA ASN A 111 0.32 -28.54 1.34
C ASN A 111 1.62 -28.63 0.56
N GLY A 112 1.68 -28.26 -0.71
CA GLY A 112 2.91 -28.26 -1.50
C GLY A 112 3.32 -29.59 -2.09
N GLU A 113 2.62 -30.67 -1.74
CA GLU A 113 3.06 -31.99 -2.15
C GLU A 113 2.75 -32.23 -3.62
N LEU A 114 3.61 -32.94 -4.33
CA LEU A 114 3.28 -33.33 -5.70
C LEU A 114 2.30 -34.51 -5.61
N GLN A 115 1.03 -34.22 -5.91
CA GLN A 115 -0.01 -35.24 -5.70
C GLN A 115 -0.36 -36.05 -6.92
N SER A 116 -0.25 -35.46 -8.10
CA SER A 116 -0.63 -36.18 -9.31
C SER A 116 0.18 -35.68 -10.50
N VAL A 117 0.50 -36.62 -11.36
CA VAL A 117 1.23 -36.34 -12.61
C VAL A 117 0.45 -37.05 -13.70
N PRO A 118 0.03 -36.38 -14.76
CA PRO A 118 -0.76 -36.95 -15.83
C PRO A 118 -0.08 -38.17 -16.42
N PHE A 119 -0.82 -39.28 -16.42
CA PHE A 119 -0.38 -40.54 -17.01
C PHE A 119 0.95 -40.96 -16.35
N GLU A 120 0.97 -40.95 -15.03
CA GLU A 120 2.21 -41.27 -14.31
C GLU A 120 2.62 -42.72 -14.46
N LYS A 121 1.66 -43.64 -14.41
CA LYS A 121 1.97 -45.05 -14.58
C LYS A 121 2.51 -45.39 -15.96
N ASP A 122 1.87 -44.93 -17.01
CA ASP A 122 2.30 -45.21 -18.38
C ASP A 122 3.64 -44.55 -18.71
N LEU A 123 3.91 -43.36 -18.18
CA LEU A 123 5.05 -42.57 -18.53
C LEU A 123 6.27 -42.73 -17.61
N TYR A 124 6.07 -42.55 -16.31
CA TYR A 124 7.23 -42.61 -15.41
C TYR A 124 7.33 -43.97 -14.73
N GLY A 125 6.26 -44.74 -14.85
CA GLY A 125 6.17 -46.02 -14.15
C GLY A 125 6.27 -45.73 -12.65
N GLU A 126 7.26 -46.32 -12.01
CA GLU A 126 7.51 -46.07 -10.59
C GLU A 126 8.76 -45.23 -10.40
N SER A 127 9.31 -44.64 -11.46
CA SER A 127 10.56 -43.91 -11.39
C SER A 127 10.44 -42.54 -10.71
N LEU A 128 9.28 -41.89 -10.83
CA LEU A 128 9.17 -40.52 -10.32
C LEU A 128 9.08 -40.52 -8.81
N ASN A 129 10.03 -39.85 -8.16
CA ASN A 129 9.99 -39.79 -6.70
C ASN A 129 9.25 -38.51 -6.30
N LYS A 130 7.93 -38.62 -6.23
CA LYS A 130 7.07 -37.46 -5.97
C LYS A 130 7.31 -36.88 -4.60
N LYS A 131 7.68 -37.69 -3.60
CA LYS A 131 8.04 -37.21 -2.29
C LYS A 131 9.17 -36.19 -2.28
N CYS A 132 10.08 -36.19 -3.25
CA CYS A 132 11.14 -35.20 -3.30
C CYS A 132 10.82 -34.07 -4.27
N LEU A 133 9.56 -34.04 -4.74
CA LEU A 133 9.23 -33.03 -5.76
C LEU A 133 8.15 -32.10 -5.27
N GLY A 134 8.07 -31.91 -3.96
CA GLY A 134 7.07 -30.91 -3.46
C GLY A 134 7.58 -29.51 -3.82
N LEU A 135 6.66 -28.53 -3.79
CA LEU A 135 7.08 -27.15 -4.04
C LEU A 135 8.11 -26.68 -3.04
N LYS A 136 9.01 -25.80 -3.47
CA LYS A 136 10.03 -25.27 -2.57
C LYS A 136 9.35 -24.45 -1.48
N GLU A 137 9.52 -24.89 -0.24
CA GLU A 137 8.80 -24.30 0.88
C GLU A 137 9.56 -23.22 1.60
N VAL A 138 8.84 -22.14 1.95
CA VAL A 138 9.39 -21.08 2.79
C VAL A 138 9.64 -21.69 4.17
N ALA A 139 10.92 -21.64 4.58
CA ALA A 139 11.27 -22.32 5.84
C ALA A 139 10.50 -21.85 7.05
N ARG A 140 10.28 -20.55 7.21
CA ARG A 140 9.70 -20.05 8.46
C ARG A 140 8.46 -19.19 8.18
N VAL A 141 7.36 -19.49 8.85
CA VAL A 141 6.12 -18.73 8.69
C VAL A 141 5.53 -18.55 10.09
N GLU A 142 5.42 -17.31 10.56
CA GLU A 142 4.95 -17.07 11.92
C GLU A 142 3.95 -15.90 11.94
N SER A 143 3.18 -15.83 13.00
CA SER A 143 2.17 -14.78 13.13
C SER A 143 2.43 -13.81 14.27
N PHE A 144 2.14 -12.53 14.02
CA PHE A 144 2.12 -11.54 15.09
C PHE A 144 0.68 -11.04 15.13
N HIS A 145 -0.08 -11.62 16.07
CA HIS A 145 -1.52 -11.22 16.20
C HIS A 145 -2.24 -11.19 14.89
N GLY A 146 -2.14 -12.27 14.12
CA GLY A 146 -2.89 -12.39 12.87
C GLY A 146 -2.09 -11.89 11.67
N PHE A 147 -1.04 -11.11 11.84
CA PHE A 147 -0.22 -10.66 10.72
C PHE A 147 0.85 -11.71 10.42
N ILE A 148 0.85 -12.25 9.22
CA ILE A 148 1.67 -13.42 8.87
C ILE A 148 2.90 -12.99 8.10
N TYR A 149 4.09 -13.39 8.61
CA TYR A 149 5.36 -13.07 8.02
C TYR A 149 6.11 -14.38 7.64
N GLY A 150 6.95 -14.25 6.63
CA GLY A 150 7.71 -15.42 6.17
C GLY A 150 9.20 -15.09 6.15
N CYS A 151 10.04 -16.14 6.21
CA CYS A 151 11.49 -15.93 6.15
C CYS A 151 12.07 -17.19 5.48
N PHE A 152 12.94 -16.99 4.51
CA PHE A 152 13.54 -18.12 3.80
C PHE A 152 14.69 -18.72 4.61
N ASP A 153 15.16 -18.00 5.61
CA ASP A 153 16.32 -18.46 6.39
C ASP A 153 15.87 -19.14 7.68
N GLN A 154 16.14 -20.46 7.75
CA GLN A 154 15.81 -21.26 8.93
C GLN A 154 16.48 -20.74 10.19
N GLU A 155 17.62 -20.09 10.07
CA GLU A 155 18.37 -19.55 11.19
C GLU A 155 17.84 -18.26 11.78
N ALA A 156 16.86 -17.55 11.23
CA ALA A 156 16.41 -16.26 11.79
C ALA A 156 15.83 -16.40 13.18
N PRO A 157 16.11 -15.44 14.07
CA PRO A 157 15.34 -15.32 15.31
C PRO A 157 13.84 -15.47 15.04
N PRO A 158 13.11 -15.93 16.03
CA PRO A 158 11.65 -16.00 16.00
C PRO A 158 11.17 -14.57 15.70
N LEU A 159 10.01 -14.47 15.05
CA LEU A 159 9.47 -13.15 14.71
C LEU A 159 9.25 -12.20 15.88
N MET A 160 8.79 -12.74 17.01
CA MET A 160 8.64 -11.87 18.18
C MET A 160 9.96 -11.30 18.69
N ASP A 161 11.04 -12.12 18.67
CA ASP A 161 12.35 -11.61 19.06
C ASP A 161 12.91 -10.64 18.05
N TYR A 162 12.60 -10.89 16.76
CA TYR A 162 13.06 -9.98 15.69
C TYR A 162 12.45 -8.59 15.75
N LEU A 163 11.19 -8.54 16.18
CA LEU A 163 10.57 -7.23 16.42
C LEU A 163 11.20 -6.47 17.57
N GLY A 164 11.91 -7.21 18.46
CA GLY A 164 12.66 -6.56 19.53
C GLY A 164 11.83 -5.57 20.34
N ASP A 165 12.42 -4.42 20.58
CA ASP A 165 11.78 -3.37 21.38
C ASP A 165 10.58 -2.74 20.66
N ALA A 166 10.49 -2.89 19.33
CA ALA A 166 9.28 -2.31 18.69
C ALA A 166 8.03 -3.05 19.11
N ALA A 167 8.06 -4.34 19.44
CA ALA A 167 6.87 -5.09 19.77
C ALA A 167 6.06 -4.46 20.90
N TRP A 168 6.75 -3.89 21.90
CA TRP A 168 6.05 -3.31 23.04
C TRP A 168 5.12 -2.15 22.64
N TYR A 169 5.57 -1.41 21.63
CA TYR A 169 4.80 -0.26 21.14
C TYR A 169 3.66 -0.74 20.27
N LEU A 170 3.81 -1.84 19.52
CA LEU A 170 2.72 -2.32 18.68
C LEU A 170 1.62 -3.05 19.43
N GLU A 171 1.95 -3.70 20.57
CA GLU A 171 1.01 -4.50 21.29
C GLU A 171 -0.30 -3.87 21.73
N PRO A 172 -0.32 -2.65 22.19
CA PRO A 172 -1.59 -2.00 22.57
C PRO A 172 -2.60 -2.11 21.42
N MET A 173 -2.20 -1.67 20.23
CA MET A 173 -3.13 -1.75 19.08
C MET A 173 -3.23 -3.14 18.49
N PHE A 174 -2.14 -3.94 18.42
CA PHE A 174 -2.23 -5.23 17.73
C PHE A 174 -2.85 -6.34 18.58
N LYS A 175 -2.67 -6.22 19.89
CA LYS A 175 -3.13 -7.23 20.82
C LYS A 175 -4.20 -6.73 21.78
N HIS A 176 -3.96 -5.67 22.52
CA HIS A 176 -4.88 -5.26 23.59
C HIS A 176 -6.17 -4.60 23.08
N SER A 177 -6.22 -4.17 21.83
CA SER A 177 -7.45 -3.60 21.28
C SER A 177 -8.53 -4.65 21.04
N GLY A 178 -8.17 -5.94 21.05
CA GLY A 178 -9.10 -6.99 20.71
C GLY A 178 -8.70 -7.62 19.36
N GLY A 179 -7.74 -7.00 18.68
CA GLY A 179 -7.25 -7.51 17.40
C GLY A 179 -7.65 -6.62 16.22
N LEU A 180 -6.79 -6.70 15.22
CA LEU A 180 -6.95 -5.96 13.98
C LEU A 180 -7.28 -6.94 12.85
N GLU A 181 -7.94 -6.33 11.85
CA GLU A 181 -8.17 -7.06 10.62
C GLU A 181 -7.55 -6.27 9.48
N LEU A 182 -7.09 -7.03 8.49
CA LEU A 182 -6.56 -6.42 7.27
C LEU A 182 -7.63 -6.38 6.17
N VAL A 183 -7.98 -5.20 5.70
CA VAL A 183 -8.98 -5.10 4.63
C VAL A 183 -8.29 -5.12 3.27
N GLY A 184 -8.70 -6.10 2.48
CA GLY A 184 -8.27 -6.28 1.13
C GLY A 184 -9.17 -5.73 0.05
N PRO A 185 -8.89 -6.21 -1.14
CA PRO A 185 -7.61 -6.27 -1.81
C PRO A 185 -6.79 -5.01 -1.63
N PRO A 186 -5.46 -5.12 -1.70
CA PRO A 186 -4.62 -3.96 -1.64
C PRO A 186 -4.65 -3.14 -2.93
N GLY A 187 -4.39 -1.85 -2.85
CA GLY A 187 -4.03 -1.10 -4.05
C GLY A 187 -2.59 -1.50 -4.45
N LYS A 188 -2.30 -1.46 -5.74
CA LYS A 188 -0.97 -1.86 -6.23
C LYS A 188 -0.49 -0.94 -7.33
N VAL A 189 0.65 -0.24 -7.07
CA VAL A 189 1.19 0.74 -7.97
C VAL A 189 2.72 0.68 -8.05
N VAL A 190 3.29 0.90 -9.21
CA VAL A 190 4.78 0.92 -9.31
C VAL A 190 5.25 2.35 -9.18
N ILE A 191 6.31 2.59 -8.39
CA ILE A 191 6.97 3.87 -8.27
C ILE A 191 8.44 3.75 -8.71
N LYS A 192 9.02 4.82 -9.21
CA LYS A 192 10.42 4.73 -9.66
C LYS A 192 11.37 5.17 -8.55
N ALA A 193 11.25 4.38 -7.46
CA ALA A 193 12.06 4.68 -6.29
C ALA A 193 12.65 3.36 -5.76
N ASN A 194 13.78 3.51 -5.05
CA ASN A 194 14.30 2.35 -4.31
C ASN A 194 13.41 2.03 -3.13
N TRP A 195 13.31 0.76 -2.77
CA TRP A 195 12.48 0.33 -1.65
C TRP A 195 12.82 1.01 -0.33
N LYS A 196 14.10 1.40 -0.12
CA LYS A 196 14.54 2.01 1.10
C LYS A 196 14.02 3.45 1.28
N ALA A 197 13.67 4.12 0.16
CA ALA A 197 13.19 5.50 0.26
C ALA A 197 11.86 5.62 1.00
N PRO A 198 10.86 4.84 0.66
CA PRO A 198 9.63 4.82 1.46
C PRO A 198 9.84 4.12 2.80
N ALA A 199 10.69 3.07 2.86
CA ALA A 199 10.87 2.45 4.19
C ALA A 199 11.47 3.42 5.20
N GLU A 200 12.48 4.19 4.80
CA GLU A 200 13.08 5.14 5.75
C GLU A 200 12.10 6.24 6.11
N ASN A 201 11.25 6.64 5.14
CA ASN A 201 10.31 7.72 5.43
C ASN A 201 9.29 7.31 6.47
N PHE A 202 8.73 6.11 6.37
CA PHE A 202 7.77 5.63 7.34
C PHE A 202 8.42 5.25 8.66
N VAL A 203 9.69 4.80 8.66
CA VAL A 203 10.27 4.39 9.95
C VAL A 203 10.56 5.58 10.86
N GLY A 204 10.90 6.74 10.31
CA GLY A 204 11.39 7.78 11.21
C GLY A 204 11.27 9.20 10.75
N ASP A 205 10.47 9.48 9.71
CA ASP A 205 10.47 10.83 9.19
C ASP A 205 9.22 11.63 9.55
N ALA A 206 9.21 12.26 10.72
CA ALA A 206 8.14 13.23 11.02
C ALA A 206 8.53 14.60 10.52
N TYR A 207 9.82 14.89 10.32
CA TYR A 207 10.29 16.19 9.85
C TYR A 207 9.64 16.58 8.52
N HIS A 208 9.38 15.62 7.63
CA HIS A 208 8.90 16.04 6.30
C HIS A 208 7.42 16.37 6.31
N VAL A 209 6.64 15.91 7.29
CA VAL A 209 5.18 16.04 7.24
C VAL A 209 4.67 17.44 6.99
N GLY A 210 5.07 18.44 7.76
CA GLY A 210 4.56 19.80 7.56
C GLY A 210 4.88 20.40 6.20
N TRP A 211 6.06 20.11 5.64
CA TRP A 211 6.42 20.68 4.35
C TRP A 211 5.98 19.85 3.17
N THR A 212 6.31 18.56 3.11
CA THR A 212 5.89 17.70 2.00
C THR A 212 4.38 17.66 1.86
N HIS A 213 3.71 17.51 2.99
CA HIS A 213 2.25 17.36 2.97
C HIS A 213 1.52 18.67 3.30
N ALA A 214 2.12 19.82 3.07
CA ALA A 214 1.45 21.10 3.35
C ALA A 214 0.09 21.22 2.68
N SER A 215 0.02 20.87 1.40
CA SER A 215 -1.28 20.93 0.70
C SER A 215 -2.28 19.92 1.20
N SER A 216 -1.89 18.70 1.58
CA SER A 216 -2.83 17.66 2.02
C SER A 216 -3.36 17.98 3.40
N LEU A 217 -2.45 18.46 4.27
CA LEU A 217 -2.89 18.88 5.60
C LEU A 217 -3.88 20.07 5.51
N ARG A 218 -3.55 21.11 4.75
CA ARG A 218 -4.39 22.27 4.57
C ARG A 218 -5.72 21.98 3.88
N SER A 219 -5.72 21.21 2.81
CA SER A 219 -6.92 20.83 2.09
C SER A 219 -7.65 19.76 2.89
N GLY A 220 -6.82 18.94 3.52
CA GLY A 220 -7.22 17.65 4.01
C GLY A 220 -8.32 17.65 5.02
N GLU A 221 -8.21 18.32 6.14
CA GLU A 221 -9.19 18.53 7.20
C GLU A 221 -9.16 17.52 8.35
N SER A 222 -7.89 17.13 8.54
CA SER A 222 -7.33 16.25 9.54
C SER A 222 -6.78 16.87 10.82
N ILE A 223 -6.46 16.04 11.84
CA ILE A 223 -5.98 16.54 13.11
C ILE A 223 -4.53 17.00 13.16
N PHE A 224 -3.63 16.56 12.29
CA PHE A 224 -2.25 17.05 12.32
C PHE A 224 -2.03 18.30 11.46
N SER A 225 -3.05 18.97 11.00
CA SER A 225 -3.10 20.08 10.11
C SER A 225 -2.29 21.33 10.28
N SER A 226 -2.48 22.01 11.40
CA SER A 226 -1.77 23.20 11.84
C SER A 226 -0.28 23.17 11.49
N LEU A 227 0.31 22.02 11.32
CA LEU A 227 1.62 21.85 10.75
C LEU A 227 1.67 22.26 9.28
N ALA A 228 0.60 22.39 8.50
CA ALA A 228 0.73 22.76 7.10
C ALA A 228 1.71 23.91 6.88
N GLY A 229 2.68 23.65 5.99
CA GLY A 229 3.65 24.64 5.56
C GLY A 229 4.64 25.00 6.66
N ASN A 230 4.80 24.11 7.64
CA ASN A 230 5.62 24.37 8.81
C ASN A 230 5.15 25.63 9.53
N ALA A 231 3.82 25.79 9.64
CA ALA A 231 3.36 27.03 10.28
C ALA A 231 3.45 26.87 11.79
N ALA A 232 3.54 25.64 12.29
CA ALA A 232 3.68 25.44 13.73
C ALA A 232 4.49 24.18 14.04
N LEU A 233 5.39 24.27 15.01
CA LEU A 233 6.11 23.07 15.48
C LEU A 233 5.27 22.51 16.64
N PRO A 234 5.02 21.22 16.59
CA PRO A 234 4.27 20.49 17.58
C PRO A 234 4.80 20.79 18.98
N PRO A 235 3.91 20.66 19.96
CA PRO A 235 4.20 20.94 21.35
C PRO A 235 5.38 20.13 21.87
N GLU A 236 6.12 20.73 22.81
CA GLU A 236 7.14 19.96 23.54
C GLU A 236 6.43 18.75 24.15
N GLY A 237 7.04 17.58 24.02
CA GLY A 237 6.45 16.36 24.55
C GLY A 237 5.34 15.78 23.68
N ALA A 238 5.26 16.19 22.40
CA ALA A 238 4.21 15.69 21.51
C ALA A 238 4.43 14.29 20.98
N GLY A 239 5.64 13.75 21.24
CA GLY A 239 5.86 12.37 20.80
C GLY A 239 7.30 11.92 21.10
N LEU A 240 7.62 10.79 20.46
CA LEU A 240 8.98 10.21 20.69
C LEU A 240 9.31 9.40 19.46
N GLN A 241 10.58 8.93 19.39
CA GLN A 241 11.04 8.08 18.31
C GLN A 241 11.73 6.84 18.93
N MET A 242 11.64 5.69 18.27
CA MET A 242 12.38 4.54 18.84
C MET A 242 12.95 3.68 17.72
N THR A 243 13.97 2.88 18.09
CA THR A 243 14.52 1.93 17.14
C THR A 243 15.00 0.71 17.95
N SER A 244 15.37 -0.34 17.25
CA SER A 244 15.58 -1.66 17.84
C SER A 244 16.74 -2.36 17.14
N LYS A 245 17.17 -3.46 17.78
CA LYS A 245 18.36 -4.18 17.32
C LYS A 245 18.31 -4.70 15.90
N TYR A 246 17.16 -5.22 15.50
CA TYR A 246 17.04 -5.83 14.18
C TYR A 246 16.46 -4.83 13.16
N GLY A 247 16.36 -3.55 13.49
CA GLY A 247 16.17 -2.55 12.44
C GLY A 247 14.75 -1.91 12.48
N SER A 248 13.82 -2.61 13.09
CA SER A 248 12.45 -2.01 13.11
C SER A 248 12.43 -0.81 14.02
N GLY A 249 11.57 0.19 13.70
CA GLY A 249 11.47 1.38 14.51
C GLY A 249 10.19 2.17 14.15
N MET A 250 9.97 3.21 14.91
CA MET A 250 8.74 4.00 14.63
C MET A 250 8.83 5.32 15.36
N GLY A 251 7.89 6.18 14.96
CA GLY A 251 7.65 7.44 15.64
C GLY A 251 6.29 7.33 16.32
N VAL A 252 6.14 8.04 17.43
CA VAL A 252 4.91 8.01 18.23
C VAL A 252 4.44 9.46 18.36
N LEU A 253 3.24 9.74 17.81
CA LEU A 253 2.65 11.07 17.98
C LEU A 253 1.47 10.95 18.95
N TRP A 254 1.64 11.39 20.20
CA TRP A 254 0.69 11.16 21.25
C TRP A 254 -0.75 11.61 20.84
N ASP A 255 -1.65 10.69 21.12
CA ASP A 255 -3.09 10.83 20.99
C ASP A 255 -3.69 11.09 19.62
N GLY A 256 -2.93 11.02 18.54
CA GLY A 256 -3.44 11.33 17.20
C GLY A 256 -4.18 10.19 16.56
N TYR A 257 -5.24 9.75 17.22
CA TYR A 257 -5.99 8.57 16.85
C TYR A 257 -6.75 8.71 15.53
N SER A 258 -7.15 9.94 15.18
CA SER A 258 -7.76 10.09 13.85
C SER A 258 -6.75 10.19 12.73
N GLY A 259 -5.47 10.35 13.04
CA GLY A 259 -4.42 10.37 12.04
C GLY A 259 -4.61 11.32 10.87
N VAL A 260 -4.44 10.75 9.68
CA VAL A 260 -4.57 11.58 8.46
C VAL A 260 -6.01 11.70 8.00
N HIS A 261 -6.98 11.09 8.66
CA HIS A 261 -8.37 11.13 8.16
C HIS A 261 -8.98 12.52 8.22
N SER A 262 -9.59 12.88 7.08
CA SER A 262 -10.27 14.19 7.08
C SER A 262 -11.30 14.27 8.17
N ALA A 263 -11.73 15.51 8.41
CA ALA A 263 -12.68 16.00 9.37
C ALA A 263 -13.97 15.19 9.42
N ASP A 264 -14.41 14.60 8.31
CA ASP A 264 -15.57 13.74 8.27
C ASP A 264 -15.49 12.50 9.17
N LEU A 265 -14.30 12.04 9.56
CA LEU A 265 -14.14 10.88 10.41
C LEU A 265 -13.58 11.21 11.79
N VAL A 266 -13.06 12.43 11.92
CA VAL A 266 -12.43 12.85 13.18
C VAL A 266 -13.21 12.59 14.42
N PRO A 267 -14.44 13.12 14.55
CA PRO A 267 -15.24 12.96 15.75
C PRO A 267 -15.55 11.53 16.16
N GLU A 268 -15.94 10.70 15.19
CA GLU A 268 -16.30 9.32 15.48
C GLU A 268 -15.08 8.52 15.92
N LEU A 269 -13.94 8.75 15.26
CA LEU A 269 -12.72 8.06 15.65
C LEU A 269 -12.22 8.52 16.99
N MET A 270 -12.16 9.83 17.25
CA MET A 270 -11.68 10.33 18.54
C MET A 270 -12.52 9.80 19.70
N ALA A 271 -13.83 9.65 19.43
CA ALA A 271 -14.79 9.04 20.31
C ALA A 271 -14.53 7.53 20.39
N PHE A 272 -14.23 6.77 19.38
CA PHE A 272 -14.03 5.33 19.59
C PHE A 272 -12.72 5.05 20.32
N GLY A 273 -11.64 5.69 19.88
CA GLY A 273 -10.32 5.46 20.51
C GLY A 273 -10.27 5.84 21.97
N GLY A 274 -10.86 7.00 22.33
CA GLY A 274 -10.84 7.41 23.74
C GLY A 274 -11.69 6.50 24.60
N ALA A 275 -12.79 5.95 24.13
CA ALA A 275 -13.57 4.98 24.91
C ALA A 275 -12.78 3.68 25.14
N LYS A 276 -12.10 3.20 24.10
CA LYS A 276 -11.33 1.96 24.34
C LYS A 276 -10.15 2.24 25.25
N GLN A 277 -9.50 3.39 25.15
CA GLN A 277 -8.39 3.73 26.04
C GLN A 277 -8.86 3.74 27.49
N GLU A 278 -10.05 4.26 27.78
CA GLU A 278 -10.51 4.21 29.17
C GLU A 278 -10.61 2.79 29.71
N ARG A 279 -11.10 1.84 28.92
CA ARG A 279 -11.15 0.44 29.34
C ARG A 279 -9.74 -0.16 29.51
N LEU A 280 -8.85 0.20 28.59
CA LEU A 280 -7.47 -0.31 28.62
C LEU A 280 -6.61 0.23 29.74
N ASN A 281 -6.95 1.38 30.33
CA ASN A 281 -6.15 1.91 31.44
C ASN A 281 -6.05 0.88 32.58
N LYS A 282 -7.14 0.19 32.89
CA LYS A 282 -7.21 -0.81 33.94
C LYS A 282 -6.45 -2.09 33.62
N GLU A 283 -6.34 -2.43 32.34
CA GLU A 283 -5.71 -3.67 31.90
C GLU A 283 -4.21 -3.54 31.68
N ILE A 284 -3.76 -2.49 30.99
CA ILE A 284 -2.35 -2.40 30.63
C ILE A 284 -1.63 -1.17 31.13
N GLY A 285 -2.36 -0.32 31.88
CA GLY A 285 -1.74 0.86 32.45
C GLY A 285 -2.02 2.08 31.56
N ASP A 286 -1.90 3.25 32.17
CA ASP A 286 -2.17 4.49 31.45
C ASP A 286 -1.21 4.73 30.29
N VAL A 287 0.10 4.54 30.44
CA VAL A 287 1.01 4.81 29.32
C VAL A 287 0.70 3.91 28.12
N ARG A 288 0.54 2.60 28.36
CA ARG A 288 0.29 1.71 27.24
C ARG A 288 -1.10 1.92 26.66
N ALA A 289 -2.10 2.25 27.49
CA ALA A 289 -3.42 2.56 26.86
C ALA A 289 -3.37 3.84 26.05
N ARG A 290 -2.51 4.80 26.41
CA ARG A 290 -2.33 6.00 25.61
C ARG A 290 -1.61 5.64 24.30
N ILE A 291 -0.58 4.79 24.39
CA ILE A 291 0.07 4.35 23.14
C ILE A 291 -0.93 3.74 22.18
N TYR A 292 -1.87 2.91 22.61
CA TYR A 292 -2.90 2.33 21.75
C TYR A 292 -3.51 3.43 20.85
N ARG A 293 -3.91 4.55 21.45
CA ARG A 293 -4.61 5.56 20.63
C ARG A 293 -3.71 6.68 20.21
N SER A 294 -2.40 6.38 20.05
CA SER A 294 -1.40 7.31 19.57
C SER A 294 -0.93 6.86 18.19
N HIS A 295 -0.66 7.82 17.31
CA HIS A 295 -0.30 7.49 15.92
C HIS A 295 1.13 6.97 15.83
N LEU A 296 1.26 5.74 15.33
CA LEU A 296 2.62 5.20 15.16
C LEU A 296 2.94 5.14 13.66
N ASN A 297 4.08 5.72 13.32
CA ASN A 297 4.59 5.56 11.95
C ASN A 297 5.77 4.56 12.05
N CYS A 298 5.56 3.39 11.54
CA CYS A 298 6.54 2.29 11.83
C CYS A 298 6.95 1.58 10.56
N THR A 299 8.22 1.11 10.56
CA THR A 299 8.66 0.16 9.56
C THR A 299 9.11 -1.11 10.33
N VAL A 300 8.54 -2.20 9.91
CA VAL A 300 9.02 -3.52 10.39
C VAL A 300 10.05 -3.92 9.34
N PHE A 301 11.33 -3.90 9.74
CA PHE A 301 12.43 -4.21 8.84
C PHE A 301 12.13 -5.40 7.99
N PRO A 302 12.73 -5.41 6.81
CA PRO A 302 13.05 -4.38 5.89
C PRO A 302 12.01 -3.44 5.24
N ASN A 303 10.92 -4.06 4.80
CA ASN A 303 10.13 -3.27 3.81
C ASN A 303 8.64 -3.33 4.08
N ASN A 304 8.20 -3.44 5.32
CA ASN A 304 6.77 -3.42 5.65
C ASN A 304 6.59 -2.16 6.48
N SER A 305 5.63 -1.28 6.17
CA SER A 305 5.45 -0.07 6.96
C SER A 305 3.95 0.12 7.27
N MET A 306 3.72 0.97 8.26
CA MET A 306 2.33 1.20 8.68
C MET A 306 2.21 2.52 9.39
N LEU A 307 0.95 2.99 9.37
CA LEU A 307 0.56 4.13 10.22
C LEU A 307 -0.57 3.63 11.09
N THR A 308 -0.36 3.35 12.39
CA THR A 308 -1.50 2.87 13.18
C THR A 308 -2.44 4.06 13.35
N CYS A 309 -3.71 3.78 13.63
CA CYS A 309 -4.73 4.82 13.88
C CYS A 309 -5.21 5.36 12.54
N SER A 310 -4.30 5.84 11.70
CA SER A 310 -4.65 6.18 10.33
C SER A 310 -5.07 4.89 9.64
N GLY A 311 -4.48 3.74 9.97
CA GLY A 311 -4.84 2.45 9.44
C GLY A 311 -4.20 2.15 8.08
N VAL A 312 -3.06 2.74 7.77
CA VAL A 312 -2.36 2.49 6.50
C VAL A 312 -1.38 1.33 6.68
N PHE A 313 -1.36 0.40 5.75
CA PHE A 313 -0.45 -0.76 5.87
C PHE A 313 0.19 -0.95 4.50
N LYS A 314 1.52 -0.90 4.42
CA LYS A 314 2.24 -0.93 3.18
C LYS A 314 3.26 -2.06 3.04
N VAL A 315 3.45 -2.50 1.81
CA VAL A 315 4.58 -3.40 1.52
C VAL A 315 5.33 -2.75 0.37
N TRP A 316 6.63 -2.49 0.53
CA TRP A 316 7.45 -1.89 -0.50
C TRP A 316 8.18 -3.00 -1.26
N ASN A 317 7.57 -3.61 -2.25
CA ASN A 317 8.16 -4.80 -2.91
C ASN A 317 9.19 -4.40 -3.93
N PRO A 318 10.47 -4.86 -3.73
CA PRO A 318 11.54 -4.47 -4.57
C PRO A 318 11.50 -5.07 -5.97
N ILE A 319 11.76 -4.20 -6.97
CA ILE A 319 11.84 -4.79 -8.33
C ILE A 319 13.24 -4.58 -8.84
N ASP A 320 13.77 -3.38 -8.85
CA ASP A 320 15.21 -3.13 -9.08
C ASP A 320 15.64 -1.89 -8.32
N ALA A 321 16.87 -1.37 -8.42
CA ALA A 321 17.29 -0.28 -7.55
C ALA A 321 16.47 0.99 -7.61
N ASN A 322 15.82 1.22 -8.78
CA ASN A 322 14.95 2.41 -8.86
C ASN A 322 13.53 1.98 -9.25
N THR A 323 13.07 0.84 -8.84
CA THR A 323 11.66 0.43 -9.09
C THR A 323 11.12 -0.31 -7.90
N THR A 324 9.94 0.07 -7.39
CA THR A 324 9.31 -0.61 -6.25
C THR A 324 7.81 -0.76 -6.55
N GLU A 325 7.26 -1.90 -6.20
CA GLU A 325 5.78 -2.09 -6.38
C GLU A 325 5.20 -1.91 -4.98
N VAL A 326 4.32 -0.91 -4.84
CA VAL A 326 3.75 -0.52 -3.57
C VAL A 326 2.39 -1.16 -3.34
N TRP A 327 2.25 -1.95 -2.32
CA TRP A 327 0.97 -2.58 -1.94
C TRP A 327 0.39 -1.84 -0.75
N THR A 328 -0.90 -1.42 -0.83
CA THR A 328 -1.51 -0.64 0.23
C THR A 328 -2.80 -1.27 0.73
N TYR A 329 -2.80 -1.65 2.00
CA TYR A 329 -4.02 -2.21 2.60
C TYR A 329 -4.50 -1.27 3.69
N ALA A 330 -5.72 -1.55 4.18
CA ALA A 330 -6.18 -0.83 5.36
C ALA A 330 -6.22 -1.76 6.59
N ILE A 331 -5.86 -1.22 7.75
CA ILE A 331 -6.02 -2.01 8.97
C ILE A 331 -7.13 -1.39 9.83
N VAL A 332 -8.03 -2.25 10.30
CA VAL A 332 -9.11 -1.76 11.14
C VAL A 332 -9.21 -2.61 12.42
N GLU A 333 -9.72 -2.02 13.48
CA GLU A 333 -9.97 -2.78 14.72
C GLU A 333 -11.17 -3.67 14.54
N LYS A 334 -11.11 -4.95 14.90
CA LYS A 334 -12.19 -5.88 14.61
C LYS A 334 -13.49 -5.49 15.31
N ASP A 335 -13.45 -4.81 16.45
CA ASP A 335 -14.70 -4.50 17.14
C ASP A 335 -15.32 -3.16 16.77
N MET A 336 -14.81 -2.51 15.71
CA MET A 336 -15.43 -1.28 15.21
C MET A 336 -16.65 -1.70 14.37
N PRO A 337 -17.73 -0.95 14.56
CA PRO A 337 -18.90 -1.14 13.73
C PRO A 337 -18.51 -1.30 12.27
N GLU A 338 -19.21 -2.19 11.58
CA GLU A 338 -18.97 -2.42 10.17
C GLU A 338 -18.93 -1.18 9.30
N ASP A 339 -19.91 -0.27 9.54
CA ASP A 339 -19.98 0.91 8.67
C ASP A 339 -18.75 1.78 8.83
N LEU A 340 -18.24 1.88 10.05
CA LEU A 340 -17.04 2.63 10.34
C LEU A 340 -15.85 1.90 9.72
N LYS A 341 -15.78 0.57 9.79
CA LYS A 341 -14.72 -0.12 9.06
C LYS A 341 -14.68 0.24 7.57
N ARG A 342 -15.83 0.16 6.91
CA ARG A 342 -15.88 0.48 5.47
C ARG A 342 -15.40 1.88 5.15
N ARG A 343 -15.86 2.88 5.92
CA ARG A 343 -15.45 4.25 5.71
C ARG A 343 -13.96 4.48 5.98
N LEU A 344 -13.45 3.85 7.05
CA LEU A 344 -12.01 3.94 7.31
C LEU A 344 -11.17 3.32 6.23
N ALA A 345 -11.62 2.18 5.68
CA ALA A 345 -10.89 1.56 4.57
C ALA A 345 -10.85 2.47 3.35
N ASP A 346 -11.97 3.14 3.02
CA ASP A 346 -11.95 4.03 1.85
C ASP A 346 -11.05 5.24 2.08
N SER A 347 -11.11 5.71 3.37
CA SER A 347 -10.28 6.83 3.78
C SER A 347 -8.78 6.52 3.67
N VAL A 348 -8.41 5.30 4.08
CA VAL A 348 -6.99 4.91 3.89
C VAL A 348 -6.61 5.00 2.43
N GLN A 349 -7.44 4.46 1.54
CA GLN A 349 -7.14 4.50 0.09
C GLN A 349 -7.25 5.91 -0.46
N ARG A 350 -8.18 6.71 0.04
CA ARG A 350 -8.32 8.10 -0.39
C ARG A 350 -7.02 8.87 -0.13
N THR A 351 -6.37 8.63 1.02
CA THR A 351 -5.21 9.42 1.42
C THR A 351 -3.87 8.79 1.03
N PHE A 352 -3.77 7.48 1.13
CA PHE A 352 -2.50 6.81 0.85
C PHE A 352 -2.55 5.72 -0.19
N GLY A 353 -3.65 5.47 -0.89
CA GLY A 353 -3.71 4.42 -1.91
C GLY A 353 -3.21 4.92 -3.26
N PRO A 354 -3.60 4.22 -4.30
CA PRO A 354 -3.17 4.49 -5.68
C PRO A 354 -3.45 5.91 -6.12
N ALA A 355 -4.59 6.46 -5.71
CA ALA A 355 -4.93 7.85 -5.92
C ALA A 355 -4.93 8.63 -4.63
N GLY A 356 -4.04 8.18 -3.70
CA GLY A 356 -3.97 8.85 -2.42
C GLY A 356 -3.36 10.23 -2.53
N PHE A 357 -4.08 11.27 -2.10
CA PHE A 357 -3.54 12.61 -2.28
C PHE A 357 -2.38 12.88 -1.31
N TRP A 358 -2.33 12.23 -0.13
CA TRP A 358 -1.12 12.42 0.69
C TRP A 358 0.05 11.66 0.08
N GLU A 359 -0.12 10.41 -0.31
CA GLU A 359 0.97 9.61 -0.87
C GLU A 359 1.53 10.23 -2.12
N SER A 360 0.68 10.92 -2.92
CA SER A 360 1.19 11.59 -4.11
C SER A 360 2.15 12.71 -3.79
N ASP A 361 2.06 13.34 -2.63
CA ASP A 361 2.96 14.39 -2.21
C ASP A 361 4.40 13.82 -2.08
N ASP A 362 4.50 12.54 -1.77
CA ASP A 362 5.84 11.97 -1.52
C ASP A 362 6.51 11.47 -2.77
N ASN A 363 5.78 11.25 -3.87
CA ASN A 363 6.32 10.66 -5.08
C ASN A 363 7.62 11.27 -5.53
N ASP A 364 7.65 12.57 -5.82
CA ASP A 364 8.86 13.20 -6.35
C ASP A 364 10.02 13.10 -5.35
N ASN A 365 9.74 13.21 -4.07
CA ASN A 365 10.79 13.10 -3.04
C ASN A 365 11.43 11.72 -3.12
N MET A 366 10.60 10.68 -3.07
CA MET A 366 11.12 9.30 -3.10
C MET A 366 11.77 8.99 -4.43
N GLU A 367 11.14 9.32 -5.57
CA GLU A 367 11.73 8.98 -6.85
C GLU A 367 13.04 9.72 -7.09
N THR A 368 13.10 11.04 -6.94
CA THR A 368 14.34 11.79 -7.29
C THR A 368 15.47 11.46 -6.29
N ALA A 369 15.15 11.29 -5.02
CA ALA A 369 16.25 10.93 -4.10
C ALA A 369 16.82 9.59 -4.55
N SER A 370 15.99 8.66 -4.97
CA SER A 370 16.50 7.34 -5.39
C SER A 370 17.29 7.45 -6.67
N GLN A 371 16.76 8.15 -7.70
CA GLN A 371 17.41 8.24 -8.99
C GLN A 371 18.71 9.02 -8.95
N ASN A 372 18.84 9.97 -8.04
CA ASN A 372 20.07 10.74 -7.90
C ASN A 372 21.18 9.84 -7.32
N GLY A 373 20.85 8.71 -6.72
CA GLY A 373 21.88 7.77 -6.27
C GLY A 373 22.63 7.13 -7.41
N LYS A 374 22.15 7.19 -8.65
CA LYS A 374 22.82 6.67 -9.81
C LYS A 374 23.75 7.71 -10.47
N LYS A 375 23.54 8.99 -10.21
CA LYS A 375 24.28 10.05 -10.89
C LYS A 375 25.74 10.08 -10.40
N TYR A 376 26.62 10.18 -11.38
CA TYR A 376 28.06 10.08 -11.11
C TYR A 376 28.53 10.89 -9.93
N GLN A 377 28.23 12.21 -9.87
CA GLN A 377 28.77 13.03 -8.80
C GLN A 377 28.09 12.83 -7.46
N SER A 378 27.00 12.06 -7.39
CA SER A 378 26.29 11.85 -6.14
C SER A 378 26.51 10.47 -5.53
N ARG A 379 27.01 9.50 -6.29
CA ARG A 379 27.16 8.14 -5.79
C ARG A 379 27.91 8.07 -4.45
N ASP A 380 29.02 8.80 -4.38
CA ASP A 380 29.83 8.79 -3.16
C ASP A 380 29.54 9.92 -2.21
N SER A 381 28.40 10.60 -2.39
CA SER A 381 27.97 11.65 -1.46
C SER A 381 27.31 11.04 -0.24
N ASP A 382 27.14 11.87 0.82
CA ASP A 382 26.59 11.32 2.07
C ASP A 382 25.18 11.87 2.35
N LEU A 383 24.24 10.94 2.44
CA LEU A 383 22.90 11.27 2.92
C LEU A 383 22.96 11.42 4.45
N LEU A 384 22.45 12.49 4.99
CA LEU A 384 22.56 12.77 6.42
C LEU A 384 21.40 12.31 7.26
N SER A 385 21.68 11.68 8.42
CA SER A 385 20.68 11.25 9.38
C SER A 385 21.20 11.52 10.79
N ASN A 386 21.58 12.77 11.03
CA ASN A 386 22.17 13.12 12.34
C ASN A 386 21.25 13.89 13.27
N LEU A 387 20.02 14.19 12.85
CA LEU A 387 19.15 14.99 13.74
C LEU A 387 18.87 14.21 15.00
N GLY A 388 19.21 14.84 16.16
CA GLY A 388 18.90 14.22 17.44
C GLY A 388 20.03 13.36 17.99
N PHE A 389 21.09 13.24 17.20
CA PHE A 389 22.21 12.39 17.61
C PHE A 389 22.87 12.95 18.87
N GLY A 390 23.12 12.07 19.82
CA GLY A 390 23.70 12.45 21.10
C GLY A 390 22.63 12.79 22.12
N GLU A 391 21.36 12.61 21.85
CA GLU A 391 20.31 12.82 22.84
C GLU A 391 19.45 11.56 22.98
N ASP A 392 19.84 10.48 22.28
CA ASP A 392 19.08 9.24 22.38
C ASP A 392 19.48 8.38 23.59
N VAL A 393 18.55 7.69 24.20
CA VAL A 393 18.85 6.84 25.36
C VAL A 393 18.49 5.41 25.06
N TYR A 394 18.97 4.52 25.96
CA TYR A 394 18.57 3.14 25.88
C TYR A 394 18.23 2.61 27.26
N GLY A 395 17.33 1.68 27.36
CA GLY A 395 16.97 1.10 28.63
C GLY A 395 16.23 2.06 29.50
N ASP A 396 15.35 2.92 29.00
CA ASP A 396 14.61 3.85 29.83
C ASP A 396 13.62 3.10 30.69
N ALA A 397 13.21 3.66 31.85
CA ALA A 397 12.30 2.97 32.73
C ALA A 397 10.87 2.87 32.20
N VAL A 398 10.53 3.78 31.26
CA VAL A 398 9.15 3.76 30.78
C VAL A 398 8.99 3.33 29.33
N TYR A 399 9.92 3.70 28.47
CA TYR A 399 9.84 3.43 27.02
C TYR A 399 11.09 2.63 26.63
N PRO A 400 10.91 1.46 26.05
CA PRO A 400 12.02 0.58 25.70
C PRO A 400 12.61 0.84 24.33
N GLY A 401 13.85 0.36 24.14
CA GLY A 401 14.58 0.48 22.88
C GLY A 401 15.55 1.63 22.89
N VAL A 402 16.14 2.01 21.75
CA VAL A 402 16.92 3.23 21.64
C VAL A 402 15.91 4.36 21.31
N VAL A 403 15.75 5.27 22.27
CA VAL A 403 14.61 6.21 22.23
C VAL A 403 15.10 7.64 22.18
N GLY A 404 14.47 8.42 21.29
CA GLY A 404 14.69 9.86 21.21
C GLY A 404 13.43 10.55 21.75
N LYS A 405 13.54 11.18 22.92
CA LYS A 405 12.34 11.73 23.57
C LYS A 405 11.95 13.07 22.98
N SER A 406 11.67 13.09 21.68
CA SER A 406 11.30 14.27 20.91
C SER A 406 10.48 13.76 19.72
N ALA A 407 9.43 14.55 19.34
CA ALA A 407 8.62 14.05 18.26
C ALA A 407 9.26 14.00 16.90
N ILE A 408 10.19 14.90 16.62
CA ILE A 408 10.83 14.99 15.32
C ILE A 408 12.33 14.73 15.49
N GLY A 409 12.82 13.72 14.72
CA GLY A 409 14.26 13.49 14.69
C GLY A 409 14.63 12.43 13.68
N GLU A 410 15.84 11.86 13.85
CA GLU A 410 16.32 10.82 12.93
C GLU A 410 16.84 9.58 13.67
N THR A 411 16.38 9.42 14.90
CA THR A 411 16.73 8.23 15.69
C THR A 411 16.45 6.96 14.93
N SER A 412 15.25 6.81 14.34
CA SER A 412 14.81 5.59 13.72
C SER A 412 15.53 5.33 12.41
N TYR A 413 15.98 6.37 11.69
CA TYR A 413 16.81 6.17 10.51
C TYR A 413 18.16 5.53 10.94
N ARG A 414 18.69 6.05 12.04
CA ARG A 414 20.01 5.49 12.46
C ARG A 414 19.93 4.03 12.83
N GLY A 415 18.89 3.60 13.53
CA GLY A 415 18.70 2.21 13.87
C GLY A 415 18.44 1.34 12.66
N PHE A 416 17.63 1.86 11.68
CA PHE A 416 17.37 1.10 10.47
C PHE A 416 18.65 0.86 9.68
N TYR A 417 19.45 1.91 9.51
CA TYR A 417 20.65 1.82 8.69
C TYR A 417 21.76 1.11 9.48
N ARG A 418 21.79 1.15 10.81
CA ARG A 418 22.79 0.32 11.50
C ARG A 418 22.52 -1.16 11.21
N ALA A 419 21.25 -1.58 11.27
CA ALA A 419 20.90 -2.95 11.00
C ALA A 419 21.15 -3.35 9.55
N TYR A 420 20.79 -2.45 8.61
CA TYR A 420 21.06 -2.68 7.20
C TYR A 420 22.56 -2.89 6.95
N GLN A 421 23.44 -2.08 7.52
CA GLN A 421 24.90 -2.19 7.37
C GLN A 421 25.38 -3.58 7.86
N ALA A 422 24.86 -3.91 9.04
CA ALA A 422 25.27 -5.19 9.65
C ALA A 422 24.84 -6.41 8.87
N HIS A 423 23.66 -6.38 8.22
CA HIS A 423 23.27 -7.38 7.27
C HIS A 423 24.08 -7.34 5.98
N VAL A 424 24.25 -6.24 5.29
CA VAL A 424 24.95 -6.25 3.99
C VAL A 424 26.41 -6.69 4.09
N SER A 425 27.02 -6.57 5.29
CA SER A 425 28.43 -6.94 5.47
C SER A 425 28.56 -8.28 6.18
N SER A 426 27.48 -9.03 6.33
CA SER A 426 27.46 -10.32 7.00
C SER A 426 27.01 -11.45 6.11
N SER A 427 27.55 -12.67 6.33
CA SER A 427 27.21 -13.76 5.44
C SER A 427 26.09 -14.64 5.96
N ASN A 428 25.74 -14.43 7.22
CA ASN A 428 24.72 -15.20 7.90
C ASN A 428 24.24 -14.51 9.16
N TRP A 429 23.25 -15.12 9.79
CA TRP A 429 22.67 -14.58 11.04
C TRP A 429 23.74 -14.52 12.12
N ALA A 430 24.61 -15.55 12.27
CA ALA A 430 25.63 -15.44 13.32
C ALA A 430 26.56 -14.25 13.20
N GLU A 431 26.95 -13.96 11.97
CA GLU A 431 27.79 -12.80 11.74
C GLU A 431 27.00 -11.51 12.02
N PHE A 432 25.70 -11.45 11.64
CA PHE A 432 24.93 -10.26 12.02
C PHE A 432 24.91 -10.06 13.53
N GLU A 433 24.77 -11.13 14.30
CA GLU A 433 24.71 -11.01 15.75
C GLU A 433 26.06 -10.51 16.27
N HIS A 434 27.13 -11.04 15.70
CA HIS A 434 28.46 -10.56 16.12
C HIS A 434 28.69 -9.10 15.80
N ALA A 435 28.15 -8.65 14.64
CA ALA A 435 28.26 -7.26 14.23
C ALA A 435 27.30 -6.36 14.99
N SER A 436 26.40 -6.94 15.78
CA SER A 436 25.38 -6.15 16.48
C SER A 436 25.45 -6.30 17.98
N SER A 437 26.58 -6.85 18.49
CA SER A 437 26.66 -7.06 19.93
C SER A 437 26.78 -5.79 20.74
N THR A 438 27.08 -4.65 20.14
CA THR A 438 27.05 -3.37 20.85
C THR A 438 26.17 -2.41 20.06
N TRP A 439 24.99 -2.86 19.71
CA TRP A 439 24.11 -2.07 18.78
C TRP A 439 23.66 -0.81 19.49
N HIS A 440 23.19 -0.88 20.74
CA HIS A 440 22.58 0.31 21.37
C HIS A 440 23.60 1.32 21.83
N THR A 441 24.79 0.82 22.25
CA THR A 441 25.91 1.68 22.55
C THR A 441 26.33 2.50 21.33
N GLU A 442 26.40 1.85 20.17
CA GLU A 442 26.75 2.60 18.95
C GLU A 442 25.71 3.69 18.67
N LEU A 443 24.42 3.40 18.90
CA LEU A 443 23.42 4.41 18.56
C LEU A 443 23.30 5.55 19.57
N THR A 444 23.73 5.36 20.81
CA THR A 444 23.58 6.37 21.84
C THR A 444 24.87 7.19 22.08
N LYS A 445 25.94 7.03 21.33
CA LYS A 445 27.11 7.89 21.47
C LYS A 445 26.69 9.38 21.54
N THR A 446 27.49 10.12 22.28
CA THR A 446 27.33 11.55 22.54
C THR A 446 26.29 11.80 23.61
N THR A 447 25.34 10.89 23.85
CA THR A 447 24.38 11.04 24.92
C THR A 447 25.06 10.62 26.24
N MET B 2 -30.32 -9.29 -25.00
CA MET B 2 -29.62 -9.71 -26.29
C MET B 2 -28.60 -10.79 -25.95
N ILE B 3 -27.93 -10.62 -24.81
CA ILE B 3 -26.93 -11.56 -24.35
C ILE B 3 -27.54 -12.63 -23.43
N ASN B 4 -27.10 -13.86 -23.64
CA ASN B 4 -27.41 -14.95 -22.72
C ASN B 4 -26.08 -15.32 -22.05
N ILE B 5 -25.93 -15.03 -20.76
CA ILE B 5 -24.65 -15.23 -20.09
C ILE B 5 -24.40 -16.67 -19.69
N GLN B 6 -25.37 -17.57 -19.88
CA GLN B 6 -25.07 -18.99 -19.74
C GLN B 6 -24.32 -19.48 -20.97
N GLU B 7 -24.62 -18.92 -22.14
CA GLU B 7 -23.94 -19.27 -23.38
C GLU B 7 -22.67 -18.46 -23.58
N ASP B 8 -22.76 -17.16 -23.36
CA ASP B 8 -21.61 -16.26 -23.53
C ASP B 8 -20.93 -16.28 -22.16
N LYS B 9 -20.05 -17.29 -22.02
CA LYS B 9 -19.51 -17.68 -20.73
C LYS B 9 -18.60 -16.64 -20.10
N LEU B 10 -18.03 -15.74 -20.90
CA LEU B 10 -17.10 -14.76 -20.35
C LEU B 10 -17.78 -13.50 -19.87
N VAL B 11 -19.09 -13.33 -20.11
CA VAL B 11 -19.78 -12.06 -19.86
C VAL B 11 -20.36 -11.98 -18.47
N SER B 12 -20.15 -10.87 -17.77
CA SER B 12 -20.71 -10.75 -16.43
C SER B 12 -22.16 -10.28 -16.50
N ALA B 13 -22.90 -10.57 -15.42
CA ALA B 13 -24.31 -10.14 -15.39
C ALA B 13 -24.43 -8.63 -15.50
N HIS B 14 -23.57 -7.92 -14.79
CA HIS B 14 -23.53 -6.46 -14.87
C HIS B 14 -23.34 -5.97 -16.29
N ASP B 15 -22.32 -6.48 -16.99
CA ASP B 15 -22.06 -6.04 -18.36
C ASP B 15 -23.23 -6.34 -19.28
N ALA B 16 -23.89 -7.49 -19.13
CA ALA B 16 -25.02 -7.85 -19.98
C ALA B 16 -26.20 -6.89 -19.76
N GLU B 17 -26.40 -6.42 -18.54
CA GLU B 17 -27.44 -5.43 -18.26
C GLU B 17 -27.16 -4.09 -18.93
N GLU B 18 -25.89 -3.67 -18.98
CA GLU B 18 -25.55 -2.39 -19.59
C GLU B 18 -25.71 -2.40 -21.10
N ILE B 19 -25.45 -3.53 -21.75
CA ILE B 19 -25.69 -3.68 -23.17
C ILE B 19 -27.19 -3.59 -23.45
N LEU B 20 -28.02 -4.25 -22.65
CA LEU B 20 -29.47 -4.18 -22.86
C LEU B 20 -29.95 -2.73 -22.85
N ARG B 21 -29.43 -1.87 -22.00
CA ARG B 21 -29.83 -0.47 -21.90
C ARG B 21 -29.64 0.33 -23.16
N PHE B 22 -28.60 0.08 -23.95
CA PHE B 22 -28.33 0.87 -25.14
C PHE B 22 -28.81 0.30 -26.45
N PHE B 23 -29.10 -0.99 -26.58
CA PHE B 23 -29.40 -1.49 -27.94
C PHE B 23 -30.87 -1.32 -28.27
N ASN B 24 -31.68 -1.01 -27.26
CA ASN B 24 -33.10 -0.84 -27.48
C ASN B 24 -33.47 0.54 -28.01
N CYS B 25 -33.73 1.49 -27.10
CA CYS B 25 -34.17 2.81 -27.53
C CYS B 25 -33.01 3.73 -27.90
N HIS B 26 -32.77 3.85 -29.21
CA HIS B 26 -31.70 4.73 -29.65
C HIS B 26 -32.28 6.08 -30.07
N ASP B 27 -31.82 7.12 -29.39
CA ASP B 27 -32.18 8.50 -29.74
C ASP B 27 -30.91 9.19 -30.20
N SER B 28 -30.76 9.41 -31.49
CA SER B 28 -29.59 10.08 -32.05
C SER B 28 -29.33 11.45 -31.43
N ALA B 29 -30.38 12.21 -31.11
CA ALA B 29 -30.21 13.53 -30.51
C ALA B 29 -29.56 13.46 -29.14
N LEU B 30 -29.94 12.47 -28.37
CA LEU B 30 -29.41 12.26 -27.02
C LEU B 30 -27.92 11.91 -27.15
N GLN B 31 -27.58 11.10 -28.14
CA GLN B 31 -26.16 10.73 -28.30
C GLN B 31 -25.31 11.94 -28.58
N GLN B 32 -25.76 12.83 -29.46
CA GLN B 32 -25.06 14.06 -29.78
C GLN B 32 -24.94 14.99 -28.58
N GLU B 33 -26.02 15.13 -27.81
CA GLU B 33 -26.01 15.94 -26.61
C GLU B 33 -24.99 15.37 -25.59
N ALA B 34 -25.00 14.05 -25.41
CA ALA B 34 -24.04 13.42 -24.48
C ALA B 34 -22.61 13.66 -24.98
N THR B 35 -22.40 13.63 -26.29
CA THR B 35 -21.05 13.85 -26.85
C THR B 35 -20.57 15.25 -26.53
N THR B 36 -21.42 16.28 -26.71
CA THR B 36 -21.08 17.65 -26.36
C THR B 36 -20.77 17.83 -24.89
N LEU B 37 -21.59 17.29 -24.02
CA LEU B 37 -21.44 17.36 -22.58
C LEU B 37 -20.05 16.79 -22.18
N LEU B 38 -19.76 15.61 -22.70
CA LEU B 38 -18.49 14.98 -22.29
C LEU B 38 -17.29 15.69 -22.88
N THR B 39 -17.40 16.23 -24.09
CA THR B 39 -16.29 16.99 -24.68
C THR B 39 -16.02 18.25 -23.89
N GLN B 40 -17.08 18.94 -23.41
CA GLN B 40 -16.91 20.15 -22.59
C GLN B 40 -16.32 19.81 -21.22
N GLU B 41 -16.77 18.71 -20.66
CA GLU B 41 -16.21 18.33 -19.33
C GLU B 41 -14.71 18.05 -19.52
N ALA B 42 -14.40 17.30 -20.56
CA ALA B 42 -12.97 16.96 -20.77
C ALA B 42 -12.13 18.14 -21.15
N HIS B 43 -12.69 19.25 -21.69
CA HIS B 43 -11.92 20.44 -21.95
C HIS B 43 -11.67 21.15 -20.64
N LEU B 44 -12.66 21.27 -19.75
CA LEU B 44 -12.47 21.94 -18.47
C LEU B 44 -11.33 21.18 -17.70
N LEU B 45 -11.46 19.88 -17.65
CA LEU B 45 -10.38 19.11 -16.93
C LEU B 45 -9.05 19.31 -17.60
N ASP B 46 -8.97 19.25 -18.92
CA ASP B 46 -7.64 19.37 -19.55
C ASP B 46 -6.94 20.67 -19.27
N ILE B 47 -7.68 21.78 -19.09
CA ILE B 47 -7.07 23.07 -18.81
C ILE B 47 -6.93 23.31 -17.31
N GLN B 48 -7.24 22.30 -16.51
CA GLN B 48 -7.13 22.27 -15.07
C GLN B 48 -8.02 23.31 -14.40
N ALA B 49 -9.20 23.54 -15.05
CA ALA B 49 -10.22 24.39 -14.40
C ALA B 49 -11.09 23.61 -13.44
N TYR B 50 -10.48 23.04 -12.38
CA TYR B 50 -11.14 22.11 -11.49
C TYR B 50 -12.31 22.73 -10.75
N ARG B 51 -12.22 23.99 -10.38
CA ARG B 51 -13.38 24.62 -9.71
C ARG B 51 -14.54 24.76 -10.70
N ALA B 52 -14.22 25.20 -11.92
CA ALA B 52 -15.27 25.28 -12.95
C ALA B 52 -15.85 23.92 -13.24
N TRP B 53 -15.02 22.85 -13.27
CA TRP B 53 -15.57 21.52 -13.43
C TRP B 53 -16.55 21.18 -12.33
N LEU B 54 -16.18 21.40 -11.06
CA LEU B 54 -17.06 21.10 -9.94
C LEU B 54 -18.38 21.88 -10.03
N GLU B 55 -18.27 23.16 -10.37
CA GLU B 55 -19.44 24.04 -10.40
C GLU B 55 -20.37 23.75 -11.56
N HIS B 56 -19.83 23.46 -12.72
CA HIS B 56 -20.62 23.28 -13.93
C HIS B 56 -20.97 21.85 -14.25
N CYS B 57 -20.11 20.87 -13.86
CA CYS B 57 -20.32 19.51 -14.31
C CYS B 57 -20.70 18.48 -13.24
N VAL B 58 -20.53 18.80 -11.97
CA VAL B 58 -20.67 17.80 -10.91
C VAL B 58 -21.84 18.11 -9.99
N GLY B 59 -22.74 17.15 -9.86
CA GLY B 59 -23.92 17.33 -9.00
C GLY B 59 -23.63 17.22 -7.53
N SER B 60 -24.43 17.89 -6.68
CA SER B 60 -24.22 17.77 -5.23
C SER B 60 -24.36 16.35 -4.71
N GLU B 61 -25.11 15.44 -5.31
CA GLU B 61 -25.33 14.10 -4.87
C GLU B 61 -24.38 13.09 -5.54
N VAL B 62 -23.31 13.59 -6.14
CA VAL B 62 -22.43 12.69 -6.89
C VAL B 62 -21.78 11.57 -6.08
N GLN B 63 -21.63 10.43 -6.72
CA GLN B 63 -20.71 9.37 -6.25
C GLN B 63 -19.71 9.19 -7.40
N TYR B 64 -18.42 9.46 -7.13
CA TYR B 64 -17.39 9.37 -8.17
C TYR B 64 -16.46 8.19 -7.82
N GLN B 65 -16.60 7.08 -8.52
CA GLN B 65 -15.99 5.85 -7.99
C GLN B 65 -15.14 5.15 -9.02
N VAL B 66 -13.89 4.81 -8.62
CA VAL B 66 -12.98 4.07 -9.51
C VAL B 66 -12.49 2.85 -8.70
N ILE B 67 -12.78 1.64 -9.19
CA ILE B 67 -12.37 0.49 -8.37
C ILE B 67 -11.22 -0.24 -9.04
N SER B 68 -10.60 -1.03 -8.14
CA SER B 68 -9.55 -1.93 -8.63
C SER B 68 -9.88 -3.34 -8.15
N ARG B 69 -10.24 -4.25 -9.05
CA ARG B 69 -10.68 -5.59 -8.70
C ARG B 69 -9.55 -6.58 -8.53
N GLU B 70 -9.55 -7.37 -7.46
CA GLU B 70 -8.49 -8.38 -7.28
C GLU B 70 -8.61 -9.43 -8.38
N LEU B 71 -7.48 -9.96 -8.85
CA LEU B 71 -7.46 -11.01 -9.86
C LEU B 71 -7.79 -12.36 -9.25
N ARG B 72 -8.90 -12.96 -9.66
CA ARG B 72 -9.42 -14.22 -9.14
C ARG B 72 -9.64 -15.20 -10.28
N ALA B 73 -9.68 -16.49 -9.94
CA ALA B 73 -9.81 -17.51 -10.96
C ALA B 73 -11.17 -17.36 -11.65
N ALA B 74 -11.23 -17.63 -12.94
CA ALA B 74 -12.49 -17.59 -13.68
C ALA B 74 -13.48 -18.62 -13.16
N SER B 75 -12.99 -19.74 -12.63
CA SER B 75 -13.85 -20.75 -12.01
C SER B 75 -14.03 -20.57 -10.51
N GLU B 76 -13.64 -19.46 -9.91
CA GLU B 76 -13.82 -19.27 -8.46
C GLU B 76 -15.29 -19.18 -8.06
N ARG B 77 -15.64 -19.82 -6.94
CA ARG B 77 -17.02 -19.84 -6.45
C ARG B 77 -17.07 -19.97 -4.94
N ARG B 78 -15.90 -20.19 -4.31
CA ARG B 78 -15.90 -20.34 -2.86
C ARG B 78 -15.38 -19.12 -2.12
N TYR B 79 -14.27 -18.54 -2.54
CA TYR B 79 -13.71 -17.37 -1.87
C TYR B 79 -14.58 -16.14 -2.08
N LYS B 80 -15.16 -15.61 -1.01
CA LYS B 80 -16.12 -14.52 -1.08
C LYS B 80 -15.83 -13.26 -0.29
N LEU B 81 -14.55 -12.93 -0.12
CA LEU B 81 -14.10 -11.70 0.51
C LEU B 81 -14.13 -10.53 -0.45
N ASN B 82 -14.00 -9.32 0.08
CA ASN B 82 -14.09 -8.11 -0.70
C ASN B 82 -13.38 -8.29 -2.04
N GLU B 83 -14.14 -8.13 -3.11
CA GLU B 83 -13.65 -8.29 -4.48
C GLU B 83 -12.81 -7.14 -4.98
N ALA B 84 -13.05 -5.93 -4.46
CA ALA B 84 -12.25 -4.83 -5.01
C ALA B 84 -11.92 -3.65 -4.07
N MET B 85 -10.67 -3.10 -4.05
CA MET B 85 -10.73 -1.80 -3.32
C MET B 85 -11.22 -0.56 -4.11
N ASN B 86 -11.42 0.60 -3.44
CA ASN B 86 -11.84 1.85 -4.06
C ASN B 86 -10.66 2.80 -4.22
N VAL B 87 -10.18 3.01 -5.45
CA VAL B 87 -9.15 4.01 -5.73
C VAL B 87 -9.73 5.40 -5.49
N TYR B 88 -10.99 5.59 -5.98
CA TYR B 88 -11.82 6.73 -5.64
C TYR B 88 -13.21 6.23 -5.21
N ASN B 89 -13.82 6.90 -4.24
CA ASN B 89 -15.22 6.61 -3.90
C ASN B 89 -15.72 7.88 -3.21
N GLU B 90 -15.80 8.96 -4.00
CA GLU B 90 -15.94 10.30 -3.52
C GLU B 90 -17.36 10.90 -3.57
N ASN B 91 -17.71 11.58 -2.49
CA ASN B 91 -18.90 12.47 -2.57
C ASN B 91 -18.43 13.84 -3.00
N PHE B 92 -19.32 14.83 -3.09
CA PHE B 92 -18.98 16.17 -3.55
C PHE B 92 -17.93 16.84 -2.66
N GLN B 93 -18.10 16.74 -1.35
CA GLN B 93 -17.13 17.31 -0.41
C GLN B 93 -15.74 16.70 -0.59
N GLN B 94 -15.68 15.41 -0.81
CA GLN B 94 -14.36 14.75 -1.02
C GLN B 94 -13.75 15.18 -2.33
N LEU B 95 -14.59 15.37 -3.37
CA LEU B 95 -14.03 15.91 -4.62
C LEU B 95 -13.52 17.31 -4.38
N LYS B 96 -14.26 18.12 -3.59
CA LYS B 96 -13.81 19.47 -3.29
C LYS B 96 -12.45 19.47 -2.56
N VAL B 97 -12.26 18.56 -1.63
CA VAL B 97 -10.94 18.45 -0.97
C VAL B 97 -9.85 18.17 -2.01
N ARG B 98 -10.10 17.25 -2.95
CA ARG B 98 -9.09 16.94 -3.97
C ARG B 98 -8.82 18.12 -4.87
N VAL B 99 -9.87 18.94 -5.16
CA VAL B 99 -9.66 20.13 -5.98
C VAL B 99 -8.87 21.19 -5.25
N GLU B 100 -9.11 21.36 -3.95
CA GLU B 100 -8.35 22.33 -3.15
C GLU B 100 -6.88 21.87 -3.10
N HIS B 101 -6.67 20.58 -2.99
CA HIS B 101 -5.29 20.04 -2.98
C HIS B 101 -4.59 20.34 -4.28
N GLN B 102 -5.27 20.18 -5.43
CA GLN B 102 -4.66 20.53 -6.71
C GLN B 102 -4.32 22.01 -6.79
N LEU B 103 -5.15 22.90 -6.25
CA LEU B 103 -5.01 24.33 -6.41
C LEU B 103 -4.11 25.01 -5.38
N ASP B 104 -3.69 24.27 -4.35
CA ASP B 104 -2.94 24.90 -3.25
C ASP B 104 -1.59 25.29 -3.78
N PRO B 105 -1.08 26.46 -3.46
CA PRO B 105 0.22 26.96 -3.86
C PRO B 105 1.40 26.11 -3.39
N GLN B 106 1.17 25.34 -2.34
CA GLN B 106 2.24 24.50 -1.77
C GLN B 106 2.15 23.09 -2.28
N ASN B 107 1.29 22.82 -3.27
CA ASN B 107 1.33 21.50 -3.91
C ASN B 107 2.54 21.54 -4.83
N TRP B 108 3.71 21.13 -4.29
CA TRP B 108 4.95 21.22 -5.02
C TRP B 108 5.04 20.41 -6.30
N GLY B 109 4.26 19.34 -6.37
CA GLY B 109 4.29 18.48 -7.55
C GLY B 109 3.55 19.15 -8.72
N ASN B 110 2.79 20.22 -8.48
CA ASN B 110 2.20 20.92 -9.62
C ASN B 110 3.04 22.03 -10.19
N SER B 111 4.34 22.10 -9.88
CA SER B 111 5.28 23.09 -10.44
C SER B 111 6.38 22.26 -11.04
N PRO B 112 6.83 22.62 -12.19
CA PRO B 112 6.16 23.09 -13.38
C PRO B 112 4.77 22.51 -13.63
N LYS B 113 3.84 23.39 -14.07
CA LYS B 113 2.49 22.95 -14.45
C LYS B 113 2.43 21.69 -15.28
N LEU B 114 1.50 20.82 -14.89
CA LEU B 114 1.29 19.59 -15.60
C LEU B 114 0.56 19.83 -16.93
N ARG B 115 0.61 18.86 -17.82
CA ARG B 115 -0.08 18.99 -19.11
C ARG B 115 -0.96 17.76 -19.27
N PHE B 116 -2.26 18.00 -19.48
CA PHE B 116 -3.25 16.94 -19.67
C PHE B 116 -3.89 17.02 -21.06
N THR B 117 -4.11 15.86 -21.63
CA THR B 117 -4.82 15.79 -22.92
C THR B 117 -5.78 14.63 -22.74
N ARG B 118 -7.08 14.74 -23.03
CA ARG B 118 -8.04 13.67 -22.87
C ARG B 118 -8.77 13.36 -24.21
N PHE B 119 -8.98 12.09 -24.43
CA PHE B 119 -9.57 11.61 -25.70
C PHE B 119 -10.78 10.77 -25.35
N ILE B 120 -11.98 11.34 -25.65
CA ILE B 120 -13.23 10.69 -25.28
C ILE B 120 -13.92 10.09 -26.51
N THR B 121 -14.17 8.78 -26.43
CA THR B 121 -14.74 8.07 -27.58
C THR B 121 -15.86 7.13 -27.17
N ASN B 122 -16.48 6.51 -28.18
CA ASN B 122 -17.46 5.44 -27.97
C ASN B 122 -18.64 5.88 -27.08
N VAL B 123 -19.15 7.09 -27.33
CA VAL B 123 -20.24 7.63 -26.50
C VAL B 123 -21.60 6.98 -26.83
N GLN B 124 -22.27 6.53 -25.78
CA GLN B 124 -23.62 5.97 -25.87
C GLN B 124 -24.46 6.62 -24.79
N ALA B 125 -25.76 6.87 -25.10
CA ALA B 125 -26.63 7.52 -24.13
C ALA B 125 -28.04 6.91 -24.14
N ALA B 126 -28.61 6.74 -22.98
CA ALA B 126 -29.98 6.21 -22.86
C ALA B 126 -30.62 6.78 -21.61
N MET B 127 -31.90 7.22 -21.72
CA MET B 127 -32.59 7.67 -20.54
C MET B 127 -32.93 6.56 -19.55
N ASP B 128 -32.88 6.86 -18.27
CA ASP B 128 -33.29 5.95 -17.22
C ASP B 128 -34.79 5.66 -17.38
N VAL B 129 -35.20 4.43 -17.14
CA VAL B 129 -36.61 4.07 -17.26
C VAL B 129 -37.50 4.66 -16.18
N ASN B 130 -36.99 4.78 -14.96
CA ASN B 130 -37.80 5.22 -13.82
C ASN B 130 -37.63 6.68 -13.46
N ASP B 131 -36.42 7.21 -13.55
CA ASP B 131 -36.22 8.63 -13.21
C ASP B 131 -35.94 9.39 -14.51
N LYS B 132 -36.89 10.23 -14.94
CA LYS B 132 -36.67 10.96 -16.18
C LYS B 132 -35.79 12.18 -15.97
N GLU B 133 -35.25 12.45 -14.78
CA GLU B 133 -34.24 13.46 -14.62
C GLU B 133 -32.87 12.85 -15.02
N LEU B 134 -32.84 11.55 -15.25
CA LEU B 134 -31.52 10.89 -15.34
C LEU B 134 -31.18 10.22 -16.66
N LEU B 135 -29.99 10.55 -17.15
CA LEU B 135 -29.45 9.99 -18.38
C LEU B 135 -28.24 9.08 -18.10
N HIS B 136 -28.29 7.89 -18.63
CA HIS B 136 -27.10 7.00 -18.56
C HIS B 136 -26.21 7.34 -19.74
N ILE B 137 -24.91 7.58 -19.50
CA ILE B 137 -23.96 7.87 -20.55
C ILE B 137 -22.73 6.92 -20.36
N ARG B 138 -22.42 6.23 -21.42
CA ARG B 138 -21.18 5.40 -21.38
C ARG B 138 -20.18 6.01 -22.33
N SER B 139 -18.86 6.04 -21.97
CA SER B 139 -17.85 6.57 -22.87
C SER B 139 -16.47 5.96 -22.43
N ASN B 140 -15.57 5.98 -23.37
CA ASN B 140 -14.21 5.48 -23.03
C ASN B 140 -13.28 6.66 -23.08
N VAL B 141 -12.24 6.65 -22.21
CA VAL B 141 -11.29 7.75 -22.17
C VAL B 141 -9.83 7.23 -22.26
N ILE B 142 -9.08 7.96 -23.06
CA ILE B 142 -7.61 7.83 -23.00
C ILE B 142 -7.15 9.13 -22.38
N LEU B 143 -6.35 9.10 -21.29
CA LEU B 143 -5.92 10.33 -20.64
C LEU B 143 -4.38 10.38 -20.66
N HIS B 144 -3.84 11.43 -21.23
CA HIS B 144 -2.36 11.62 -21.20
C HIS B 144 -1.89 12.75 -20.29
N ARG B 145 -1.08 12.38 -19.26
CA ARG B 145 -0.56 13.32 -18.26
C ARG B 145 0.95 13.37 -18.30
N ALA B 146 1.42 14.51 -18.67
CA ALA B 146 2.85 14.78 -18.80
C ALA B 146 3.39 15.89 -17.90
N ARG B 147 4.67 15.60 -17.50
CA ARG B 147 5.28 16.56 -16.58
C ARG B 147 6.80 16.28 -16.45
N ARG B 148 7.41 17.38 -16.02
CA ARG B 148 8.84 17.27 -15.60
C ARG B 148 9.74 16.81 -16.71
N GLY B 149 9.53 17.20 -17.94
CA GLY B 149 10.35 16.91 -19.07
C GLY B 149 10.12 15.57 -19.74
N ASN B 150 10.24 14.49 -18.97
CA ASN B 150 10.18 13.17 -19.59
C ASN B 150 9.32 12.18 -18.83
N GLN B 151 8.35 12.64 -18.03
CA GLN B 151 7.41 11.72 -17.42
C GLN B 151 6.10 11.73 -18.25
N VAL B 152 5.75 10.56 -18.75
CA VAL B 152 4.50 10.47 -19.58
C VAL B 152 3.71 9.29 -19.06
N ASP B 153 2.46 9.52 -18.65
CA ASP B 153 1.60 8.45 -18.18
C ASP B 153 0.29 8.50 -19.00
N VAL B 154 -0.20 7.36 -19.45
CA VAL B 154 -1.37 7.24 -20.29
C VAL B 154 -2.34 6.24 -19.65
N PHE B 155 -3.54 6.72 -19.34
CA PHE B 155 -4.58 5.95 -18.67
C PHE B 155 -5.72 5.60 -19.63
N TYR B 156 -6.28 4.44 -19.47
CA TYR B 156 -7.29 3.90 -20.40
C TYR B 156 -8.47 3.37 -19.60
N ALA B 157 -9.74 3.76 -19.90
CA ALA B 157 -10.80 3.24 -19.07
C ALA B 157 -12.19 3.45 -19.74
N ALA B 158 -13.12 2.62 -19.34
CA ALA B 158 -14.53 2.81 -19.76
C ALA B 158 -15.24 3.43 -18.57
N ARG B 159 -16.16 4.38 -18.83
CA ARG B 159 -16.87 5.11 -17.79
C ARG B 159 -18.37 4.87 -17.86
N GLU B 160 -18.94 4.45 -16.76
CA GLU B 160 -20.42 4.26 -16.72
C GLU B 160 -20.95 5.43 -15.87
N ASP B 161 -21.64 6.39 -16.52
CA ASP B 161 -22.07 7.61 -15.84
C ASP B 161 -23.61 7.69 -15.78
N LYS B 162 -24.04 8.42 -14.76
CA LYS B 162 -25.44 8.90 -14.70
C LYS B 162 -25.36 10.42 -14.55
N TRP B 163 -26.08 11.15 -15.42
CA TRP B 163 -26.08 12.60 -15.39
C TRP B 163 -27.56 13.07 -15.21
N LYS B 164 -27.70 14.13 -14.45
CA LYS B 164 -29.11 14.57 -14.26
C LYS B 164 -29.23 15.95 -14.86
N ARG B 165 -30.50 16.24 -15.24
CA ARG B 165 -30.80 17.46 -15.96
C ARG B 165 -30.40 18.69 -15.17
N GLY B 166 -30.54 18.75 -13.87
CA GLY B 166 -30.13 20.00 -13.21
C GLY B 166 -31.10 21.11 -13.69
N GLU B 167 -30.61 22.34 -13.65
CA GLU B 167 -31.43 23.48 -14.06
C GLU B 167 -30.70 24.32 -15.09
N GLY B 168 -31.42 25.15 -15.86
CA GLY B 168 -30.82 26.00 -16.87
C GLY B 168 -30.06 25.35 -17.99
N GLY B 169 -30.28 24.09 -18.30
CA GLY B 169 -29.52 23.37 -19.31
C GLY B 169 -28.17 22.88 -18.79
N VAL B 170 -27.98 22.93 -17.47
CA VAL B 170 -26.71 22.51 -16.88
C VAL B 170 -26.84 21.10 -16.33
N ARG B 171 -26.50 20.15 -17.23
CA ARG B 171 -26.55 18.72 -16.89
C ARG B 171 -25.35 18.42 -15.99
N LYS B 172 -25.59 17.64 -14.93
CA LYS B 172 -24.51 17.43 -13.97
C LYS B 172 -24.37 15.96 -13.58
N LEU B 173 -23.08 15.57 -13.46
CA LEU B 173 -22.79 14.18 -13.10
C LEU B 173 -23.25 13.78 -11.72
N VAL B 174 -24.03 12.72 -11.61
CA VAL B 174 -24.48 12.21 -10.33
C VAL B 174 -23.84 10.88 -9.99
N GLN B 175 -23.28 10.20 -10.98
CA GLN B 175 -22.54 8.96 -10.67
C GLN B 175 -21.55 8.72 -11.80
N ARG B 176 -20.30 8.39 -11.43
CA ARG B 176 -19.30 7.95 -12.41
C ARG B 176 -18.77 6.62 -11.82
N PHE B 177 -18.81 5.57 -12.61
CA PHE B 177 -18.26 4.29 -12.12
C PHE B 177 -17.23 3.83 -13.15
N VAL B 178 -15.98 3.54 -12.68
CA VAL B 178 -14.94 3.00 -13.54
C VAL B 178 -14.37 1.72 -12.88
N ASP B 179 -14.29 0.64 -13.61
CA ASP B 179 -13.61 -0.59 -13.12
C ASP B 179 -12.25 -0.56 -13.82
N TYR B 180 -11.20 -0.05 -13.15
CA TYR B 180 -9.94 0.25 -13.86
C TYR B 180 -9.32 -1.02 -14.43
N PRO B 181 -8.90 -1.04 -15.68
CA PRO B 181 -8.58 -2.32 -16.31
C PRO B 181 -7.23 -2.90 -15.92
N GLU B 182 -6.26 -2.09 -15.53
CA GLU B 182 -4.93 -2.54 -15.12
C GLU B 182 -4.92 -2.68 -13.60
N ARG B 183 -4.55 -3.91 -13.19
CA ARG B 183 -4.53 -4.20 -11.76
C ARG B 183 -3.36 -3.50 -11.09
N ILE B 184 -2.14 -3.65 -11.63
CA ILE B 184 -0.98 -2.97 -11.02
C ILE B 184 -0.72 -1.72 -11.85
N LEU B 185 -0.82 -0.54 -11.31
CA LEU B 185 -0.67 0.70 -12.07
C LEU B 185 0.79 0.98 -12.43
N GLN B 186 1.07 1.42 -13.67
CA GLN B 186 2.48 1.70 -14.02
C GLN B 186 2.63 3.11 -14.54
N THR B 187 1.85 3.95 -13.84
CA THR B 187 1.71 5.36 -14.11
C THR B 187 2.08 6.20 -12.91
N HIS B 188 2.80 5.65 -11.91
CA HIS B 188 3.23 6.28 -10.69
C HIS B 188 2.13 6.48 -9.64
N ASN B 189 0.88 6.76 -10.09
CA ASN B 189 -0.26 6.94 -9.22
C ASN B 189 -1.50 7.05 -10.18
N LEU B 190 -2.68 7.07 -9.56
CA LEU B 190 -3.90 7.26 -10.38
C LEU B 190 -4.52 8.62 -10.07
N MET B 191 -3.68 9.62 -9.78
CA MET B 191 -4.07 10.95 -9.34
C MET B 191 -4.59 11.85 -10.45
N VAL B 192 -5.53 11.33 -11.23
CA VAL B 192 -6.10 12.07 -12.38
C VAL B 192 -7.62 11.84 -12.27
N PHE B 193 -8.38 12.82 -12.81
CA PHE B 193 -9.83 12.60 -12.84
C PHE B 193 -10.20 11.96 -14.17
N LEU B 194 -10.60 10.71 -14.11
CA LEU B 194 -11.06 9.95 -15.24
C LEU B 194 -12.52 10.37 -15.52
#